data_5UQR
#
_entry.id   5UQR
#
_cell.length_a   69.724
_cell.length_b   94.110
_cell.length_c   124.404
_cell.angle_alpha   90.00
_cell.angle_beta   90.00
_cell.angle_gamma   90.00
#
_symmetry.space_group_name_H-M   'P 21 21 21'
#
loop_
_entity.id
_entity.type
_entity.pdbx_description
1 polymer '2-methylcitrate synthase, mitochondrial'
2 non-polymer 'OXALOACETATE ION'
3 non-polymer 'SODIUM ION'
4 non-polymer '[(2R,3S,4R,5R)-5-(6-amino-9H-purin-9-yl)-3,4-dihydroxytetrahydrofuran-2-yl]methyl (3R)-4-[(3-{[2-(ethylsulfanyl)ethyl]amino}-3-oxopropyl)amino]-3-hydroxy-2,2-dimethyl-4-oxobutyl dihydrogen diphosphate (non-preferred name)'
5 water water
#
_entity_poly.entity_id   1
_entity_poly.type   'polypeptide(L)'
_entity_poly.pdbx_seq_one_letter_code
;SGSGSTAEPDLKTALKAVIPAKRELFKQVKERSDEVIGEVKVANVIGGMRGLKSMLWEGSVLDPEEGIRFHGKTIKDCQK
ELPKGTSGTEMLPEAMFWLLLTGQVPSTNQVRAFSRELAEQSHLPQHILDLIKSFPRSMHPMTQLSIAVAALNTESKFAK
AYEKGLSKADYWEPTFDDSISLLAKIPRVAALVFRPDEVDQVGTQALDASQDWSYNFAELLGKGGKENQDFHDLLRLYLA
LHGDHEGGNVSAHATHLVGSALSDPFLSYSAGLLGLAGPLHGLAAQEVLRWILAMQDKIGTKFTDDDVRNYLWDTLKSGR
VVPGYGHGVLRKPDPRFQALMDFAATRPDVLANPVFQLVKKNSEIAPAVLTEHGKTKNPHPNVDAASGVLFYHYGFQQPL
YYTVTFGVSRALGPLVQLIWDRALGLPIERPKSINLLGLKK
;
_entity_poly.pdbx_strand_id   A,B
#
# COMPACT_ATOMS: atom_id res chain seq x y z
N SER A 3 37.74 26.67 -12.04
CA SER A 3 37.79 26.35 -13.50
C SER A 3 36.65 25.38 -13.89
N GLY A 4 36.58 25.05 -15.18
CA GLY A 4 35.43 24.31 -15.74
C GLY A 4 35.30 22.89 -15.21
N SER A 5 34.05 22.43 -15.06
CA SER A 5 33.80 21.05 -14.63
C SER A 5 34.24 20.10 -15.74
N THR A 6 34.74 18.95 -15.33
CA THR A 6 35.02 17.82 -16.23
C THR A 6 33.89 16.80 -16.15
N ALA A 7 32.99 17.03 -15.18
CA ALA A 7 32.04 16.05 -14.73
C ALA A 7 30.91 15.96 -15.72
N GLU A 8 30.44 14.74 -15.92
CA GLU A 8 29.35 14.50 -16.86
C GLU A 8 28.05 14.84 -16.14
N PRO A 9 26.93 14.85 -16.88
CA PRO A 9 25.69 15.20 -16.22
C PRO A 9 25.38 14.33 -14.99
N ASP A 10 24.89 14.93 -13.90
CA ASP A 10 24.42 14.13 -12.78
C ASP A 10 23.04 13.55 -13.05
N LEU A 11 22.52 12.76 -12.13
CA LEU A 11 21.30 12.02 -12.39
C LEU A 11 20.10 12.94 -12.65
N LYS A 12 19.93 13.96 -11.80
CA LYS A 12 18.81 14.88 -11.96
C LYS A 12 18.90 15.59 -13.32
N THR A 13 20.11 15.97 -13.71
CA THR A 13 20.31 16.66 -14.98
C THR A 13 20.01 15.72 -16.16
N ALA A 14 20.47 14.47 -16.05
CA ALA A 14 20.17 13.46 -17.06
C ALA A 14 18.66 13.21 -17.18
N LEU A 15 17.96 13.16 -16.05
CA LEU A 15 16.51 13.01 -16.09
C LEU A 15 15.85 14.23 -16.72
N LYS A 16 16.25 15.41 -16.30
CA LYS A 16 15.70 16.63 -16.91
C LYS A 16 15.77 16.61 -18.45
N ALA A 17 16.87 16.08 -18.98
CA ALA A 17 17.06 15.99 -20.43
C ALA A 17 16.04 15.15 -21.15
N VAL A 18 15.47 14.16 -20.47
CA VAL A 18 14.53 13.23 -21.10
C VAL A 18 13.06 13.42 -20.71
N ILE A 19 12.78 14.33 -19.78
CA ILE A 19 11.38 14.59 -19.37
C ILE A 19 10.53 15.12 -20.53
N PRO A 20 11.04 16.13 -21.27
CA PRO A 20 10.17 16.68 -22.35
C PRO A 20 9.75 15.65 -23.38
N ALA A 21 10.65 14.78 -23.79
CA ALA A 21 10.32 13.79 -24.79
C ALA A 21 9.28 12.80 -24.30
N LYS A 22 9.35 12.41 -23.04
CA LYS A 22 8.34 11.52 -22.50
C LYS A 22 6.99 12.22 -22.40
N ARG A 23 6.98 13.47 -22.00
CA ARG A 23 5.73 14.25 -22.00
C ARG A 23 5.11 14.35 -23.41
N GLU A 24 5.95 14.49 -24.42
CA GLU A 24 5.46 14.55 -25.78
C GLU A 24 4.90 13.21 -26.25
N LEU A 25 5.57 12.13 -25.92
CA LEU A 25 5.06 10.79 -26.22
C LEU A 25 3.73 10.55 -25.51
N PHE A 26 3.67 10.97 -24.24
CA PHE A 26 2.44 10.85 -23.47
C PHE A 26 1.29 11.61 -24.14
N LYS A 27 1.56 12.82 -24.63
CA LYS A 27 0.55 13.60 -25.31
C LYS A 27 0.03 12.87 -26.54
N GLN A 28 0.93 12.27 -27.29
CA GLN A 28 0.57 11.52 -28.49
C GLN A 28 -0.31 10.32 -28.16
N VAL A 29 0.05 9.58 -27.11
CA VAL A 29 -0.78 8.45 -26.68
C VAL A 29 -2.15 8.89 -26.20
N LYS A 30 -2.18 10.03 -25.51
CA LYS A 30 -3.42 10.58 -24.96
C LYS A 30 -4.39 10.95 -26.07
N GLU A 31 -3.88 11.35 -27.24
CA GLU A 31 -4.76 11.59 -28.39
C GLU A 31 -5.55 10.35 -28.81
N ARG A 32 -5.01 9.17 -28.50
CA ARG A 32 -5.65 7.91 -28.80
C ARG A 32 -6.38 7.28 -27.61
N SER A 33 -6.73 8.11 -26.62
CA SER A 33 -7.40 7.70 -25.39
C SER A 33 -8.59 6.81 -25.62
N ASP A 34 -9.36 7.10 -26.66
CA ASP A 34 -10.60 6.39 -26.92
C ASP A 34 -10.44 5.04 -27.65
N GLU A 35 -9.22 4.71 -28.06
CA GLU A 35 -8.97 3.44 -28.72
C GLU A 35 -9.09 2.23 -27.80
N VAL A 36 -9.83 1.24 -28.29
CA VAL A 36 -10.05 -0.02 -27.59
C VAL A 36 -8.84 -0.89 -27.80
N ILE A 37 -8.27 -1.37 -26.70
CA ILE A 37 -7.08 -2.23 -26.72
C ILE A 37 -7.32 -3.61 -26.14
N GLY A 38 -8.51 -3.90 -25.65
CA GLY A 38 -8.75 -5.21 -25.08
C GLY A 38 -10.15 -5.35 -24.51
N GLU A 39 -10.41 -6.51 -23.94
CA GLU A 39 -11.71 -6.78 -23.32
C GLU A 39 -11.54 -7.11 -21.87
N VAL A 40 -12.58 -6.78 -21.10
CA VAL A 40 -12.67 -7.20 -19.70
C VAL A 40 -13.67 -8.34 -19.66
N LYS A 41 -13.28 -9.42 -19.01
CA LYS A 41 -14.15 -10.56 -18.76
C LYS A 41 -14.40 -10.71 -17.28
N VAL A 42 -15.44 -11.49 -16.95
CA VAL A 42 -15.73 -11.83 -15.57
C VAL A 42 -14.45 -12.34 -14.87
N ALA A 43 -13.69 -13.18 -15.56
CA ALA A 43 -12.43 -13.74 -15.04
C ALA A 43 -11.48 -12.69 -14.48
N ASN A 44 -11.40 -11.57 -15.18
CA ASN A 44 -10.51 -10.48 -14.79
C ASN A 44 -10.93 -9.85 -13.46
N VAL A 45 -12.22 -9.76 -13.20
CA VAL A 45 -12.75 -9.13 -12.01
C VAL A 45 -12.56 -10.05 -10.82
N ILE A 46 -12.97 -11.30 -10.96
CA ILE A 46 -12.87 -12.24 -9.84
C ILE A 46 -11.45 -12.76 -9.63
N GLY A 47 -10.61 -12.64 -10.66
CA GLY A 47 -9.27 -13.21 -10.68
C GLY A 47 -8.12 -12.26 -10.45
N GLY A 48 -8.35 -11.20 -9.67
CA GLY A 48 -7.27 -10.25 -9.31
C GLY A 48 -6.65 -9.53 -10.48
N MET A 49 -7.47 -9.20 -11.49
CA MET A 49 -7.00 -8.52 -12.71
C MET A 49 -5.95 -9.30 -13.52
N ARG A 50 -5.83 -10.61 -13.33
CA ARG A 50 -4.78 -11.39 -13.98
C ARG A 50 -4.95 -11.27 -15.49
N GLY A 51 -3.87 -10.90 -16.16
CA GLY A 51 -3.89 -10.78 -17.61
C GLY A 51 -4.41 -9.46 -18.16
N LEU A 52 -4.88 -8.55 -17.29
CA LEU A 52 -5.57 -7.35 -17.77
C LEU A 52 -4.59 -6.20 -17.86
N LYS A 53 -4.32 -5.71 -19.07
CA LYS A 53 -3.35 -4.62 -19.24
C LYS A 53 -4.06 -3.35 -18.84
N SER A 54 -3.73 -2.84 -17.66
CA SER A 54 -4.52 -1.76 -17.08
C SER A 54 -3.73 -0.70 -16.34
N MET A 55 -2.41 -0.68 -16.47
CA MET A 55 -1.61 0.33 -15.80
C MET A 55 -0.33 0.62 -16.59
N LEU A 56 0.20 1.82 -16.37
CA LEU A 56 1.40 2.27 -17.04
C LEU A 56 2.63 1.97 -16.21
N TRP A 57 3.69 1.50 -16.87
CA TRP A 57 4.97 1.32 -16.18
C TRP A 57 6.03 1.40 -17.26
N GLU A 58 6.95 2.35 -17.10
CA GLU A 58 7.86 2.73 -18.16
C GLU A 58 9.17 1.96 -18.25
N GLY A 59 9.75 1.64 -17.11
CA GLY A 59 11.14 1.18 -17.06
C GLY A 59 11.35 -0.29 -17.34
N SER A 60 10.29 -1.09 -17.23
CA SER A 60 10.37 -2.52 -17.47
C SER A 60 9.04 -3.10 -17.91
N VAL A 61 9.10 -4.14 -18.71
CA VAL A 61 7.92 -4.81 -19.24
C VAL A 61 8.22 -6.29 -19.14
N LEU A 62 7.31 -7.06 -18.54
CA LEU A 62 7.53 -8.48 -18.35
C LEU A 62 6.87 -9.26 -19.48
N ASP A 63 7.69 -9.95 -20.27
CA ASP A 63 7.21 -10.82 -21.34
C ASP A 63 6.95 -12.17 -20.75
N PRO A 64 5.72 -12.70 -20.90
CA PRO A 64 5.45 -14.03 -20.30
C PRO A 64 6.35 -15.14 -20.84
N GLU A 65 6.78 -15.02 -22.08
CA GLU A 65 7.61 -16.05 -22.70
C GLU A 65 9.11 -15.81 -22.51
N GLU A 66 9.54 -14.56 -22.55
CA GLU A 66 10.96 -14.21 -22.59
C GLU A 66 11.49 -13.64 -21.28
N GLY A 67 10.61 -13.26 -20.37
CA GLY A 67 11.07 -12.70 -19.11
C GLY A 67 11.19 -11.20 -19.12
N ILE A 68 11.77 -10.67 -18.04
CA ILE A 68 11.82 -9.22 -17.87
C ILE A 68 12.76 -8.55 -18.88
N ARG A 69 12.37 -7.36 -19.32
CA ARG A 69 13.25 -6.46 -20.08
C ARG A 69 13.23 -5.10 -19.40
N PHE A 70 14.38 -4.44 -19.42
CA PHE A 70 14.50 -3.09 -18.84
C PHE A 70 14.82 -2.16 -20.01
N HIS A 71 13.88 -1.27 -20.37
CA HIS A 71 14.03 -0.44 -21.58
C HIS A 71 14.40 -1.29 -22.79
N GLY A 72 13.77 -2.46 -22.86
CA GLY A 72 13.98 -3.41 -23.95
C GLY A 72 15.26 -4.22 -23.89
N LYS A 73 16.08 -4.02 -22.87
CA LYS A 73 17.36 -4.72 -22.70
C LYS A 73 17.18 -5.97 -21.83
N THR A 74 17.90 -7.04 -22.16
CA THR A 74 17.87 -8.25 -21.34
C THR A 74 18.75 -8.07 -20.11
N ILE A 75 18.60 -8.97 -19.16
CA ILE A 75 19.47 -9.02 -18.00
C ILE A 75 20.94 -9.18 -18.45
N LYS A 76 21.20 -10.10 -19.39
CA LYS A 76 22.55 -10.27 -19.90
C LYS A 76 23.14 -8.99 -20.51
N ASP A 77 22.32 -8.24 -21.26
CA ASP A 77 22.73 -6.94 -21.80
C ASP A 77 23.13 -6.01 -20.67
N CYS A 78 22.30 -5.95 -19.63
CA CYS A 78 22.57 -5.08 -18.47
C CYS A 78 23.85 -5.48 -17.73
N GLN A 79 24.03 -6.78 -17.57
CA GLN A 79 25.26 -7.28 -16.95
C GLN A 79 26.52 -6.88 -17.71
N LYS A 80 26.44 -6.90 -19.03
CA LYS A 80 27.55 -6.49 -19.88
C LYS A 80 27.75 -4.98 -19.81
N GLU A 81 26.68 -4.21 -19.91
CA GLU A 81 26.80 -2.78 -20.18
C GLU A 81 26.84 -1.89 -18.98
N LEU A 82 26.15 -2.25 -17.90
CA LEU A 82 26.10 -1.37 -16.72
C LEU A 82 27.43 -1.34 -16.00
N PRO A 83 27.82 -0.15 -15.49
CA PRO A 83 29.01 -0.09 -14.67
C PRO A 83 29.08 -1.08 -13.50
N LYS A 84 30.33 -1.44 -13.18
CA LYS A 84 30.68 -2.29 -12.05
C LYS A 84 31.28 -1.43 -10.93
N GLY A 85 31.48 -2.06 -9.77
CA GLY A 85 32.17 -1.42 -8.65
C GLY A 85 33.67 -1.28 -8.87
N THR A 86 34.33 -0.67 -7.89
CA THR A 86 35.78 -0.53 -7.96
C THR A 86 36.49 -1.87 -7.83
N SER A 87 35.82 -2.82 -7.19
CA SER A 87 36.18 -4.24 -7.25
C SER A 87 34.97 -5.04 -7.66
N GLY A 88 35.22 -6.27 -8.10
CA GLY A 88 34.14 -7.17 -8.43
C GLY A 88 33.72 -7.09 -9.88
N THR A 89 32.81 -7.99 -10.22
CA THR A 89 32.41 -8.12 -11.61
C THR A 89 30.93 -7.97 -11.89
N GLU A 90 30.11 -7.78 -10.87
CA GLU A 90 28.67 -7.69 -11.10
C GLU A 90 28.20 -6.26 -11.28
N MET A 91 27.14 -6.13 -12.07
CA MET A 91 26.48 -4.86 -12.32
C MET A 91 25.99 -4.22 -11.03
N LEU A 92 26.11 -2.90 -10.95
CA LEU A 92 25.68 -2.17 -9.76
C LEU A 92 24.20 -1.83 -9.80
N PRO A 93 23.47 -2.08 -8.69
CA PRO A 93 22.06 -1.69 -8.64
C PRO A 93 21.86 -0.18 -8.83
N GLU A 94 22.79 0.65 -8.38
CA GLU A 94 22.60 2.08 -8.62
C GLU A 94 22.74 2.45 -10.12
N ALA A 95 23.51 1.66 -10.86
CA ALA A 95 23.56 1.77 -12.33
C ALA A 95 22.24 1.31 -12.95
N MET A 96 21.67 0.22 -12.44
CA MET A 96 20.32 -0.19 -12.85
C MET A 96 19.28 0.92 -12.58
N PHE A 97 19.35 1.58 -11.43
CA PHE A 97 18.43 2.69 -11.11
C PHE A 97 18.56 3.80 -12.15
N TRP A 98 19.80 4.18 -12.46
CA TRP A 98 20.07 5.17 -13.51
C TRP A 98 19.42 4.80 -14.84
N LEU A 99 19.61 3.56 -15.27
CA LEU A 99 19.01 3.06 -16.49
C LEU A 99 17.48 3.09 -16.42
N LEU A 100 16.92 2.58 -15.33
CA LEU A 100 15.48 2.55 -15.22
C LEU A 100 14.92 3.96 -15.34
N LEU A 101 15.56 4.92 -14.69
CA LEU A 101 15.02 6.27 -14.63
C LEU A 101 15.15 7.02 -15.95
N THR A 102 16.35 6.97 -16.54
CA THR A 102 16.70 7.81 -17.69
C THR A 102 16.50 7.11 -19.02
N GLY A 103 16.49 5.78 -19.01
CA GLY A 103 16.48 5.01 -20.23
C GLY A 103 17.85 4.88 -20.88
N GLN A 104 18.91 5.30 -20.17
CA GLN A 104 20.27 5.26 -20.70
C GLN A 104 21.23 4.56 -19.76
N VAL A 105 22.26 3.97 -20.32
CA VAL A 105 23.31 3.36 -19.54
C VAL A 105 24.28 4.48 -19.10
N PRO A 106 24.47 4.66 -17.78
CA PRO A 106 25.41 5.69 -17.34
C PRO A 106 26.83 5.29 -17.56
N SER A 107 27.72 6.27 -17.62
CA SER A 107 29.13 6.02 -17.55
C SER A 107 29.53 5.57 -16.15
N THR A 108 30.67 4.91 -16.06
CA THR A 108 31.24 4.54 -14.76
C THR A 108 31.43 5.79 -13.92
N ASN A 109 31.93 6.86 -14.53
CA ASN A 109 32.13 8.10 -13.75
C ASN A 109 30.83 8.68 -13.18
N GLN A 110 29.77 8.62 -13.97
CA GLN A 110 28.45 9.05 -13.50
C GLN A 110 27.98 8.18 -12.34
N VAL A 111 28.20 6.87 -12.42
CA VAL A 111 27.79 6.00 -11.33
C VAL A 111 28.61 6.27 -10.08
N ARG A 112 29.92 6.48 -10.23
CA ARG A 112 30.76 6.82 -9.07
C ARG A 112 30.20 8.04 -8.32
N ALA A 113 29.84 9.07 -9.06
CA ALA A 113 29.29 10.26 -8.44
C ALA A 113 27.94 10.01 -7.72
N PHE A 114 27.08 9.23 -8.34
CA PHE A 114 25.80 8.83 -7.76
C PHE A 114 25.99 7.97 -6.50
N SER A 115 26.92 7.02 -6.55
CA SER A 115 27.24 6.21 -5.39
C SER A 115 27.69 7.10 -4.22
N ARG A 116 28.46 8.15 -4.50
CA ARG A 116 28.90 9.08 -3.46
C ARG A 116 27.71 9.78 -2.82
N GLU A 117 26.75 10.20 -3.65
CA GLU A 117 25.52 10.82 -3.15
C GLU A 117 24.74 9.86 -2.25
N LEU A 118 24.58 8.61 -2.68
CA LEU A 118 23.89 7.63 -1.84
C LEU A 118 24.58 7.40 -0.51
N ALA A 119 25.90 7.40 -0.48
CA ALA A 119 26.60 7.25 0.80
C ALA A 119 26.39 8.46 1.71
N GLU A 120 26.48 9.64 1.13
CA GLU A 120 26.33 10.90 1.87
C GLU A 120 24.95 11.13 2.44
N GLN A 121 23.93 10.65 1.72
CA GLN A 121 22.54 10.89 2.09
C GLN A 121 21.93 9.80 2.97
N SER A 122 22.77 8.90 3.48
CA SER A 122 22.30 7.73 4.22
C SER A 122 22.06 7.94 5.69
N HIS A 123 22.35 9.12 6.24
CA HIS A 123 22.23 9.32 7.67
C HIS A 123 20.77 9.49 8.09
N LEU A 124 20.51 9.17 9.35
CA LEU A 124 19.14 9.10 9.88
C LEU A 124 18.94 10.06 11.03
N PRO A 125 17.72 10.60 11.17
CA PRO A 125 17.37 11.39 12.36
C PRO A 125 17.39 10.54 13.64
N GLN A 126 17.70 11.15 14.77
CA GLN A 126 17.75 10.40 16.03
C GLN A 126 16.39 9.75 16.34
N HIS A 127 15.28 10.39 15.95
CA HIS A 127 13.98 9.79 16.24
C HIS A 127 13.78 8.44 15.56
N ILE A 128 14.40 8.22 14.40
CA ILE A 128 14.29 6.92 13.72
C ILE A 128 15.00 5.82 14.51
N LEU A 129 16.15 6.15 15.07
CA LEU A 129 16.87 5.21 15.92
C LEU A 129 16.06 4.93 17.18
N ASP A 130 15.47 5.95 17.78
CA ASP A 130 14.56 5.74 18.91
C ASP A 130 13.35 4.80 18.59
N LEU A 131 12.72 5.05 17.45
CA LEU A 131 11.64 4.21 16.94
C LEU A 131 12.05 2.75 16.82
N ILE A 132 13.17 2.51 16.15
CA ILE A 132 13.66 1.14 15.94
C ILE A 132 13.99 0.45 17.27
N LYS A 133 14.57 1.20 18.22
CA LYS A 133 14.84 0.66 19.54
C LYS A 133 13.58 0.25 20.30
N SER A 134 12.44 0.83 19.94
CA SER A 134 11.17 0.49 20.57
C SER A 134 10.57 -0.81 20.07
N PHE A 135 11.04 -1.35 18.96
CA PHE A 135 10.47 -2.58 18.41
C PHE A 135 10.72 -3.78 19.32
N PRO A 136 9.70 -4.59 19.55
CA PRO A 136 9.99 -5.82 20.29
C PRO A 136 10.84 -6.77 19.48
N ARG A 137 11.65 -7.54 20.19
CA ARG A 137 12.59 -8.41 19.53
C ARG A 137 11.92 -9.38 18.55
N SER A 138 10.73 -9.80 18.86
CA SER A 138 10.02 -10.74 18.04
C SER A 138 9.15 -10.10 16.96
N MET A 139 9.12 -8.79 16.83
CA MET A 139 8.32 -8.16 15.74
C MET A 139 8.94 -8.58 14.41
N HIS A 140 8.11 -9.05 13.49
CA HIS A 140 8.58 -9.56 12.23
C HIS A 140 9.45 -8.52 11.50
N PRO A 141 10.58 -8.95 10.92
CA PRO A 141 11.49 -7.99 10.26
C PRO A 141 10.84 -7.13 9.18
N MET A 142 9.87 -7.68 8.42
CA MET A 142 9.19 -6.88 7.41
C MET A 142 8.22 -5.88 8.01
N THR A 143 7.67 -6.16 9.19
CA THR A 143 6.87 -5.16 9.86
C THR A 143 7.79 -4.01 10.30
N GLN A 144 8.94 -4.36 10.89
CA GLN A 144 9.94 -3.34 11.29
C GLN A 144 10.35 -2.46 10.12
N LEU A 145 10.69 -3.09 8.99
CA LEU A 145 11.17 -2.37 7.82
C LEU A 145 10.08 -1.44 7.29
N SER A 146 8.85 -1.95 7.14
CA SER A 146 7.76 -1.13 6.61
C SER A 146 7.51 0.10 7.46
N ILE A 147 7.46 -0.10 8.77
CA ILE A 147 7.24 1.00 9.72
C ILE A 147 8.33 2.06 9.66
N ALA A 148 9.59 1.62 9.63
CA ALA A 148 10.71 2.56 9.68
C ALA A 148 10.79 3.40 8.41
N VAL A 149 10.49 2.79 7.27
CA VAL A 149 10.40 3.51 6.02
C VAL A 149 9.27 4.56 6.05
N ALA A 150 8.07 4.19 6.49
CA ALA A 150 7.00 5.18 6.64
C ALA A 150 7.40 6.32 7.57
N ALA A 151 8.06 5.98 8.67
CA ALA A 151 8.48 6.96 9.69
C ALA A 151 9.43 8.01 9.13
N LEU A 152 10.19 7.65 8.09
CA LEU A 152 11.08 8.59 7.43
C LEU A 152 10.36 9.68 6.63
N ASN A 153 9.02 9.62 6.54
CA ASN A 153 8.25 10.68 5.90
C ASN A 153 8.37 11.98 6.71
N THR A 154 8.87 11.93 7.94
CA THR A 154 9.27 13.17 8.63
C THR A 154 10.30 13.95 7.82
N GLU A 155 11.06 13.26 6.98
CA GLU A 155 12.13 13.84 6.16
C GLU A 155 11.69 14.11 4.73
N SER A 156 10.38 14.05 4.46
CA SER A 156 9.88 14.17 3.08
C SER A 156 9.81 15.62 2.60
N LYS A 157 10.61 15.94 1.58
CA LYS A 157 10.50 17.23 0.92
C LYS A 157 9.16 17.39 0.19
N PHE A 158 8.65 16.31 -0.40
CA PHE A 158 7.40 16.39 -1.12
C PHE A 158 6.24 16.67 -0.18
N ALA A 159 6.18 15.96 0.96
CA ALA A 159 5.09 16.16 1.91
C ALA A 159 5.06 17.60 2.40
N LYS A 160 6.22 18.12 2.78
CA LYS A 160 6.35 19.49 3.25
C LYS A 160 6.05 20.51 2.17
N ALA A 161 6.54 20.29 0.96
CA ALA A 161 6.27 21.24 -0.13
C ALA A 161 4.79 21.26 -0.51
N TYR A 162 4.17 20.09 -0.58
CA TYR A 162 2.74 20.01 -0.86
C TYR A 162 1.92 20.76 0.20
N GLU A 163 2.27 20.57 1.47
CA GLU A 163 1.56 21.18 2.59
C GLU A 163 1.65 22.70 2.52
N LYS A 164 2.80 23.22 2.08
CA LYS A 164 2.97 24.65 1.91
C LYS A 164 2.35 25.24 0.67
N GLY A 165 2.03 24.41 -0.32
CA GLY A 165 1.36 24.86 -1.54
C GLY A 165 2.39 24.67 -2.64
N LEU A 166 2.14 23.68 -3.50
CA LEU A 166 3.07 23.24 -4.52
C LEU A 166 2.24 23.10 -5.78
N SER A 167 2.69 23.72 -6.87
CA SER A 167 2.00 23.57 -8.14
C SER A 167 2.22 22.14 -8.66
N LYS A 168 1.18 21.59 -9.30
CA LYS A 168 1.25 20.28 -9.93
C LYS A 168 2.45 20.13 -10.88
N ALA A 169 2.81 21.20 -11.56
CA ALA A 169 3.95 21.16 -12.48
C ALA A 169 5.30 20.91 -11.79
N ASP A 170 5.36 21.17 -10.49
CA ASP A 170 6.58 21.12 -9.72
C ASP A 170 6.61 19.92 -8.78
N TYR A 171 5.78 18.92 -9.05
CA TYR A 171 5.81 17.68 -8.24
C TYR A 171 7.01 16.76 -8.45
N TRP A 172 7.53 16.63 -9.66
CA TRP A 172 8.52 15.58 -9.89
C TRP A 172 9.81 15.78 -9.13
N GLU A 173 10.23 17.04 -8.96
CA GLU A 173 11.55 17.28 -8.36
C GLU A 173 11.66 16.88 -6.87
N PRO A 174 10.70 17.29 -6.00
CA PRO A 174 10.75 16.78 -4.63
C PRO A 174 10.52 15.28 -4.54
N THR A 175 9.74 14.74 -5.47
CA THR A 175 9.57 13.29 -5.61
C THR A 175 10.91 12.59 -5.88
N PHE A 176 11.69 13.14 -6.81
CA PHE A 176 13.03 12.65 -7.10
C PHE A 176 13.90 12.78 -5.84
N ASP A 177 13.89 13.96 -5.21
CA ASP A 177 14.75 14.18 -4.06
C ASP A 177 14.46 13.16 -2.93
N ASP A 178 13.18 12.96 -2.64
CA ASP A 178 12.75 12.00 -1.63
C ASP A 178 13.11 10.58 -2.04
N SER A 179 13.05 10.28 -3.34
CA SER A 179 13.40 8.93 -3.82
C SER A 179 14.86 8.62 -3.57
N ILE A 180 15.74 9.56 -3.89
CA ILE A 180 17.16 9.36 -3.66
C ILE A 180 17.45 9.29 -2.16
N SER A 181 16.78 10.15 -1.39
CA SER A 181 16.91 10.11 0.07
C SER A 181 16.58 8.71 0.63
N LEU A 182 15.44 8.18 0.20
CA LEU A 182 15.01 6.84 0.61
C LEU A 182 15.98 5.76 0.17
N LEU A 183 16.40 5.80 -1.08
CA LEU A 183 17.37 4.82 -1.53
C LEU A 183 18.64 4.84 -0.69
N ALA A 184 19.12 6.04 -0.38
CA ALA A 184 20.33 6.22 0.42
C ALA A 184 20.17 5.62 1.81
N LYS A 185 19.00 5.82 2.39
CA LYS A 185 18.73 5.40 3.77
C LYS A 185 18.31 3.96 3.96
N ILE A 186 17.66 3.36 2.97
CA ILE A 186 17.03 2.07 3.20
C ILE A 186 18.01 0.91 3.54
N PRO A 187 19.23 0.86 2.96
CA PRO A 187 20.13 -0.20 3.41
C PRO A 187 20.49 -0.05 4.88
N ARG A 188 20.68 1.18 5.35
CA ARG A 188 20.94 1.39 6.78
C ARG A 188 19.76 0.96 7.63
N VAL A 189 18.56 1.33 7.24
CA VAL A 189 17.36 0.90 7.97
C VAL A 189 17.28 -0.64 8.01
N ALA A 190 17.52 -1.28 6.87
CA ALA A 190 17.51 -2.74 6.77
C ALA A 190 18.55 -3.36 7.70
N ALA A 191 19.74 -2.76 7.76
CA ALA A 191 20.77 -3.27 8.63
C ALA A 191 20.40 -3.12 10.11
N LEU A 192 19.73 -2.03 10.45
CA LEU A 192 19.20 -1.83 11.80
C LEU A 192 18.18 -2.89 12.19
N VAL A 193 17.34 -3.30 11.24
CA VAL A 193 16.40 -4.40 11.45
C VAL A 193 17.18 -5.72 11.73
N PHE A 194 18.24 -5.94 11.00
CA PHE A 194 19.10 -7.11 11.17
C PHE A 194 19.93 -7.12 12.44
N ARG A 195 20.29 -5.94 12.94
CA ARG A 195 21.23 -5.78 14.07
C ARG A 195 20.64 -4.95 15.22
N PRO A 196 19.60 -5.46 15.87
CA PRO A 196 18.94 -4.71 16.94
C PRO A 196 19.83 -4.39 18.14
N ASP A 197 20.91 -5.16 18.35
CA ASP A 197 21.81 -4.82 19.47
C ASP A 197 22.88 -3.79 19.15
N GLU A 198 22.88 -3.27 17.93
CA GLU A 198 23.94 -2.35 17.51
C GLU A 198 23.36 -1.14 16.80
N VAL A 199 22.20 -0.69 17.27
CA VAL A 199 21.53 0.43 16.61
C VAL A 199 22.36 1.71 16.61
N ASP A 200 23.02 1.99 17.72
CA ASP A 200 23.75 3.25 17.84
C ASP A 200 24.94 3.31 16.88
N GLN A 201 25.65 2.19 16.72
CA GLN A 201 26.77 2.14 15.79
C GLN A 201 26.30 2.07 14.35
N VAL A 202 25.47 1.07 14.04
CA VAL A 202 25.02 0.87 12.66
C VAL A 202 24.21 2.07 12.20
N GLY A 203 23.47 2.67 13.13
CA GLY A 203 22.65 3.82 12.80
C GLY A 203 23.38 5.10 12.49
N THR A 204 24.64 5.21 12.90
CA THR A 204 25.41 6.44 12.72
C THR A 204 26.69 6.27 11.93
N GLN A 205 27.16 5.04 11.70
CA GLN A 205 28.50 4.88 11.11
C GLN A 205 28.55 5.53 9.73
N ALA A 206 29.63 6.27 9.45
CA ALA A 206 29.77 6.90 8.13
C ALA A 206 30.09 5.83 7.09
N LEU A 207 29.45 5.92 5.94
CA LEU A 207 29.68 4.96 4.86
C LEU A 207 30.83 5.52 4.04
N ASP A 208 31.61 4.61 3.48
CA ASP A 208 32.70 4.96 2.59
C ASP A 208 32.15 5.52 1.29
N ALA A 209 32.29 6.82 1.10
CA ALA A 209 31.70 7.47 -0.06
C ALA A 209 32.34 7.14 -1.39
N SER A 210 33.48 6.44 -1.36
CA SER A 210 34.10 5.90 -2.57
C SER A 210 33.59 4.51 -2.99
N GLN A 211 32.76 3.89 -2.14
CA GLN A 211 32.24 2.55 -2.38
C GLN A 211 30.78 2.59 -2.82
N ASP A 212 30.36 1.48 -3.40
CA ASP A 212 29.03 1.36 -3.98
C ASP A 212 27.99 0.98 -2.95
N TRP A 213 26.73 1.14 -3.36
CA TRP A 213 25.59 1.01 -2.47
C TRP A 213 25.56 -0.38 -1.81
N SER A 214 25.81 -1.43 -2.59
CA SER A 214 25.77 -2.80 -2.09
C SER A 214 26.92 -3.08 -1.14
N TYR A 215 28.11 -2.63 -1.51
CA TYR A 215 29.28 -2.75 -0.63
C TYR A 215 29.00 -2.16 0.74
N ASN A 216 28.49 -0.95 0.75
CA ASN A 216 28.20 -0.29 2.01
C ASN A 216 27.05 -0.94 2.77
N PHE A 217 26.04 -1.47 2.06
CA PHE A 217 25.00 -2.27 2.69
C PHE A 217 25.62 -3.50 3.39
N ALA A 218 26.51 -4.20 2.68
CA ALA A 218 27.19 -5.36 3.25
C ALA A 218 28.00 -4.98 4.50
N GLU A 219 28.67 -3.81 4.46
CA GLU A 219 29.41 -3.34 5.63
C GLU A 219 28.47 -3.12 6.84
N LEU A 220 27.34 -2.45 6.61
CA LEU A 220 26.33 -2.24 7.64
C LEU A 220 25.76 -3.54 8.18
N LEU A 221 25.68 -4.56 7.33
CA LEU A 221 25.23 -5.89 7.75
C LEU A 221 26.27 -6.68 8.55
N GLY A 222 27.49 -6.16 8.61
CA GLY A 222 28.58 -6.82 9.32
C GLY A 222 29.32 -7.80 8.44
N LYS A 223 29.19 -7.65 7.11
CA LYS A 223 29.93 -8.47 6.14
C LYS A 223 30.75 -7.61 5.18
N GLY A 224 31.48 -6.67 5.79
CA GLY A 224 32.44 -5.86 5.12
C GLY A 224 33.76 -6.61 4.96
N GLY A 225 34.70 -5.94 4.32
CA GLY A 225 36.05 -6.43 4.16
C GLY A 225 36.26 -7.34 2.95
N LYS A 226 37.53 -7.49 2.58
CA LYS A 226 37.92 -8.35 1.47
C LYS A 226 37.57 -9.81 1.61
N GLU A 227 37.45 -10.32 2.82
CA GLU A 227 37.02 -11.73 2.98
C GLU A 227 35.57 -11.97 2.52
N ASN A 228 34.82 -10.88 2.34
CA ASN A 228 33.44 -10.98 1.91
C ASN A 228 33.21 -10.46 0.47
N GLN A 229 34.28 -10.42 -0.32
CA GLN A 229 34.18 -9.87 -1.68
C GLN A 229 33.22 -10.62 -2.62
N ASP A 230 33.15 -11.94 -2.54
CA ASP A 230 32.16 -12.68 -3.35
C ASP A 230 30.75 -12.30 -2.92
N PHE A 231 30.51 -12.20 -1.62
CA PHE A 231 29.21 -11.75 -1.12
C PHE A 231 28.84 -10.36 -1.62
N HIS A 232 29.81 -9.47 -1.72
CA HIS A 232 29.52 -8.13 -2.26
C HIS A 232 29.00 -8.21 -3.69
N ASP A 233 29.64 -9.06 -4.48
CA ASP A 233 29.17 -9.27 -5.85
C ASP A 233 27.81 -9.95 -5.92
N LEU A 234 27.57 -10.91 -5.04
CA LEU A 234 26.26 -11.52 -4.97
C LEU A 234 25.20 -10.50 -4.67
N LEU A 235 25.48 -9.64 -3.70
CA LEU A 235 24.53 -8.63 -3.27
C LEU A 235 24.24 -7.61 -4.38
N ARG A 236 25.27 -7.17 -5.10
CA ARG A 236 25.10 -6.30 -6.24
C ARG A 236 24.14 -6.93 -7.25
N LEU A 237 24.42 -8.17 -7.63
CA LEU A 237 23.62 -8.85 -8.65
C LEU A 237 22.18 -9.04 -8.19
N TYR A 238 22.03 -9.54 -6.97
CA TYR A 238 20.73 -9.75 -6.37
C TYR A 238 19.93 -8.44 -6.35
N LEU A 239 20.55 -7.37 -5.85
CA LEU A 239 19.82 -6.11 -5.73
C LEU A 239 19.45 -5.53 -7.10
N ALA A 240 20.33 -5.70 -8.08
CA ALA A 240 20.02 -5.25 -9.45
C ALA A 240 18.88 -6.09 -10.08
N LEU A 241 18.91 -7.39 -9.86
CA LEU A 241 17.92 -8.29 -10.48
C LEU A 241 16.54 -8.14 -9.92
N HIS A 242 16.43 -7.78 -8.65
CA HIS A 242 15.11 -7.68 -8.00
C HIS A 242 14.54 -6.27 -8.02
N GLY A 243 15.22 -5.31 -8.65
CA GLY A 243 14.81 -3.92 -8.56
C GLY A 243 13.47 -3.59 -9.16
N ASP A 244 13.14 -4.23 -10.29
CA ASP A 244 11.88 -3.91 -10.99
C ASP A 244 11.39 -5.15 -11.72
N HIS A 245 10.08 -5.35 -11.73
CA HIS A 245 9.49 -6.49 -12.46
C HIS A 245 8.16 -6.05 -12.99
N GLU A 246 8.22 -4.99 -13.81
CA GLU A 246 7.07 -4.26 -14.33
C GLU A 246 6.13 -3.74 -13.24
N GLY A 247 4.95 -3.24 -13.62
CA GLY A 247 4.15 -2.47 -12.65
C GLY A 247 3.13 -3.22 -11.86
N GLY A 248 2.70 -4.38 -12.38
CA GLY A 248 1.60 -5.12 -11.79
C GLY A 248 1.90 -6.02 -10.59
N ASN A 249 3.18 -6.22 -10.26
CA ASN A 249 3.49 -7.00 -9.06
C ASN A 249 3.03 -6.22 -7.85
N VAL A 250 2.74 -6.91 -6.74
CA VAL A 250 2.01 -6.27 -5.64
C VAL A 250 2.77 -5.07 -5.06
N SER A 251 4.06 -5.22 -4.81
CA SER A 251 4.84 -4.15 -4.20
C SER A 251 4.94 -2.93 -5.09
N ALA A 252 5.25 -3.15 -6.37
CA ALA A 252 5.30 -2.04 -7.33
C ALA A 252 3.97 -1.33 -7.47
N HIS A 253 2.91 -2.12 -7.62
CA HIS A 253 1.58 -1.59 -7.78
C HIS A 253 1.12 -0.80 -6.55
N ALA A 254 1.35 -1.37 -5.36
CA ALA A 254 0.97 -0.69 -4.11
C ALA A 254 1.67 0.67 -3.98
N THR A 255 2.94 0.70 -4.36
CA THR A 255 3.69 1.95 -4.32
C THR A 255 3.07 2.98 -5.25
N HIS A 256 2.78 2.57 -6.48
CA HIS A 256 2.12 3.45 -7.43
C HIS A 256 0.74 3.93 -6.97
N LEU A 257 -0.03 2.99 -6.42
CA LEU A 257 -1.41 3.25 -5.99
C LEU A 257 -1.43 4.29 -4.89
N VAL A 258 -0.65 4.07 -3.84
CA VAL A 258 -0.61 5.01 -2.72
C VAL A 258 -0.04 6.36 -3.18
N GLY A 259 1.02 6.30 -3.98
CA GLY A 259 1.61 7.48 -4.56
C GLY A 259 0.67 8.29 -5.42
N SER A 260 -0.29 7.61 -6.06
CA SER A 260 -1.22 8.31 -6.94
C SER A 260 -2.18 9.27 -6.22
N ALA A 261 -2.36 9.08 -4.90
CA ALA A 261 -3.12 10.00 -4.08
C ALA A 261 -2.22 11.14 -3.57
N LEU A 262 -0.98 11.19 -4.06
CA LEU A 262 0.04 12.17 -3.68
C LEU A 262 0.63 11.98 -2.28
N SER A 263 0.46 10.78 -1.72
CA SER A 263 1.31 10.37 -0.63
C SER A 263 2.76 10.37 -1.10
N ASP A 264 3.68 10.83 -0.26
CA ASP A 264 5.09 10.96 -0.65
C ASP A 264 5.76 9.58 -0.82
N PRO A 265 7.00 9.57 -1.35
CA PRO A 265 7.67 8.29 -1.59
C PRO A 265 7.91 7.40 -0.39
N PHE A 266 8.06 7.98 0.80
CA PHE A 266 8.26 7.19 2.01
C PHE A 266 7.01 6.44 2.38
N LEU A 267 5.88 7.13 2.42
CA LEU A 267 4.59 6.49 2.68
C LEU A 267 4.23 5.49 1.58
N SER A 268 4.52 5.85 0.34
CA SER A 268 4.18 5.02 -0.80
C SER A 268 4.97 3.71 -0.80
N TYR A 269 6.30 3.79 -0.63
CA TYR A 269 7.10 2.56 -0.63
C TYR A 269 6.86 1.73 0.65
N SER A 270 6.50 2.39 1.75
CA SER A 270 6.04 1.62 2.93
C SER A 270 4.89 0.67 2.55
N ALA A 271 3.92 1.17 1.78
CA ALA A 271 2.81 0.33 1.31
C ALA A 271 3.33 -0.82 0.43
N GLY A 272 4.32 -0.55 -0.44
CA GLY A 272 4.95 -1.63 -1.21
C GLY A 272 5.58 -2.68 -0.31
N LEU A 273 6.27 -2.25 0.73
CA LEU A 273 6.90 -3.16 1.69
C LEU A 273 5.86 -4.01 2.45
N LEU A 274 4.72 -3.42 2.76
CA LEU A 274 3.65 -4.19 3.39
C LEU A 274 3.13 -5.30 2.50
N GLY A 275 3.14 -5.06 1.19
CA GLY A 275 2.83 -6.09 0.21
C GLY A 275 3.94 -7.14 0.12
N LEU A 276 5.19 -6.71 0.15
CA LEU A 276 6.31 -7.65 0.22
C LEU A 276 6.31 -8.51 1.46
N ALA A 277 5.74 -8.01 2.55
CA ALA A 277 5.57 -8.80 3.75
C ALA A 277 4.59 -9.97 3.58
N GLY A 278 3.84 -9.99 2.48
CA GLY A 278 2.85 -11.01 2.26
C GLY A 278 3.45 -12.32 1.81
N PRO A 279 2.97 -13.44 2.38
CA PRO A 279 3.47 -14.78 1.98
C PRO A 279 3.42 -15.07 0.48
N LEU A 280 2.41 -14.54 -0.22
CA LEU A 280 2.32 -14.78 -1.65
C LEU A 280 3.11 -13.79 -2.49
N HIS A 281 3.85 -12.87 -1.85
CA HIS A 281 4.62 -11.94 -2.61
C HIS A 281 6.09 -11.89 -2.23
N GLY A 282 6.44 -11.57 -1.00
CA GLY A 282 7.89 -11.42 -0.69
C GLY A 282 8.54 -12.55 0.04
N LEU A 283 7.76 -13.42 0.68
CA LEU A 283 8.32 -14.42 1.57
C LEU A 283 8.86 -15.69 0.88
N ALA A 284 8.66 -15.84 -0.43
CA ALA A 284 8.94 -17.14 -1.07
C ALA A 284 10.41 -17.56 -0.97
N ALA A 285 11.33 -16.61 -1.05
CA ALA A 285 12.76 -16.99 -1.04
C ALA A 285 13.14 -17.65 0.30
N GLN A 286 12.58 -17.12 1.38
CA GLN A 286 12.69 -17.71 2.71
C GLN A 286 12.09 -19.12 2.77
N GLU A 287 10.89 -19.25 2.23
CA GLU A 287 10.21 -20.53 2.20
C GLU A 287 10.94 -21.58 1.37
N VAL A 288 11.50 -21.17 0.23
CA VAL A 288 12.30 -22.06 -0.59
C VAL A 288 13.45 -22.65 0.22
N LEU A 289 14.22 -21.80 0.88
CA LEU A 289 15.36 -22.32 1.64
C LEU A 289 14.96 -23.28 2.79
N ARG A 290 13.91 -22.94 3.51
CA ARG A 290 13.38 -23.83 4.52
C ARG A 290 12.98 -25.19 3.95
N TRP A 291 12.33 -25.15 2.79
CA TRP A 291 11.91 -26.35 2.09
C TRP A 291 13.08 -27.21 1.61
N ILE A 292 14.11 -26.55 1.05
CA ILE A 292 15.30 -27.27 0.57
C ILE A 292 16.02 -27.93 1.76
N LEU A 293 16.16 -27.18 2.84
CA LEU A 293 16.85 -27.70 4.03
C LEU A 293 16.07 -28.85 4.66
N ALA A 294 14.75 -28.75 4.65
CA ALA A 294 13.92 -29.86 5.14
C ALA A 294 14.08 -31.08 4.25
N MET A 295 14.10 -30.87 2.93
CA MET A 295 14.35 -31.96 2.01
C MET A 295 15.72 -32.60 2.28
N GLN A 296 16.74 -31.76 2.45
CA GLN A 296 18.09 -32.26 2.70
C GLN A 296 18.16 -33.12 3.94
N ASP A 297 17.47 -32.71 4.99
CA ASP A 297 17.47 -33.48 6.22
C ASP A 297 16.94 -34.91 5.99
N LYS A 298 15.95 -35.04 5.10
CA LYS A 298 15.38 -36.34 4.81
C LYS A 298 16.24 -37.25 3.92
N ILE A 299 16.74 -36.75 2.80
CA ILE A 299 17.44 -37.59 1.80
C ILE A 299 18.96 -37.58 1.88
N GLY A 300 19.50 -36.72 2.71
CA GLY A 300 20.95 -36.62 2.92
C GLY A 300 21.66 -35.71 1.93
N THR A 301 22.98 -35.67 2.04
CA THR A 301 23.82 -34.85 1.14
C THR A 301 24.22 -35.63 -0.09
N LYS A 302 24.07 -36.95 -0.03
CA LYS A 302 24.27 -37.82 -1.17
C LYS A 302 22.90 -38.40 -1.47
N PHE A 303 22.37 -38.04 -2.63
CA PHE A 303 21.00 -38.32 -2.99
C PHE A 303 20.95 -38.65 -4.48
N THR A 304 19.90 -39.36 -4.88
CA THR A 304 19.69 -39.75 -6.26
C THR A 304 18.61 -38.89 -6.86
N ASP A 305 18.52 -38.88 -8.18
CA ASP A 305 17.44 -38.19 -8.87
C ASP A 305 16.08 -38.74 -8.38
N ASP A 306 16.00 -40.06 -8.14
CA ASP A 306 14.76 -40.67 -7.63
C ASP A 306 14.34 -40.17 -6.26
N ASP A 307 15.32 -39.96 -5.38
CA ASP A 307 15.05 -39.45 -4.04
C ASP A 307 14.39 -38.08 -4.10
N VAL A 308 14.88 -37.25 -5.03
CA VAL A 308 14.35 -35.92 -5.24
C VAL A 308 12.96 -36.00 -5.86
N ARG A 309 12.79 -36.81 -6.92
CA ARG A 309 11.47 -37.01 -7.51
C ARG A 309 10.45 -37.43 -6.47
N ASN A 310 10.84 -38.37 -5.62
CA ASN A 310 9.90 -38.91 -4.63
C ASN A 310 9.44 -37.85 -3.64
N TYR A 311 10.37 -36.99 -3.22
CA TYR A 311 10.05 -35.92 -2.28
C TYR A 311 9.14 -34.89 -2.92
N LEU A 312 9.40 -34.55 -4.19
CA LEU A 312 8.53 -33.65 -4.96
C LEU A 312 7.12 -34.22 -5.07
N TRP A 313 6.99 -35.51 -5.40
CA TRP A 313 5.67 -36.14 -5.48
C TRP A 313 4.95 -36.13 -4.13
N ASP A 314 5.63 -36.42 -3.03
CA ASP A 314 5.00 -36.30 -1.70
C ASP A 314 4.53 -34.88 -1.40
N THR A 315 5.33 -33.88 -1.77
CA THR A 315 4.91 -32.49 -1.62
C THR A 315 3.60 -32.23 -2.36
N LEU A 316 3.54 -32.62 -3.61
CA LEU A 316 2.35 -32.39 -4.43
C LEU A 316 1.15 -33.22 -4.00
N LYS A 317 1.38 -34.49 -3.67
CA LYS A 317 0.32 -35.38 -3.18
C LYS A 317 -0.30 -34.85 -1.89
N SER A 318 0.51 -34.13 -1.11
CA SER A 318 0.07 -33.52 0.14
C SER A 318 -0.74 -32.23 -0.08
N GLY A 319 -0.86 -31.79 -1.33
CA GLY A 319 -1.65 -30.61 -1.64
C GLY A 319 -0.90 -29.32 -1.47
N ARG A 320 0.43 -29.38 -1.40
CA ARG A 320 1.27 -28.22 -1.23
C ARG A 320 1.99 -27.87 -2.53
N VAL A 321 2.44 -26.63 -2.64
CA VAL A 321 3.21 -26.19 -3.81
C VAL A 321 4.70 -26.45 -3.57
N VAL A 322 5.43 -26.59 -4.68
CA VAL A 322 6.87 -26.62 -4.63
C VAL A 322 7.29 -25.15 -4.67
N PRO A 323 7.85 -24.63 -3.57
CA PRO A 323 8.15 -23.21 -3.57
C PRO A 323 9.28 -22.83 -4.55
N GLY A 324 9.16 -21.64 -5.11
CA GLY A 324 10.16 -21.10 -6.07
C GLY A 324 9.93 -21.54 -7.50
N TYR A 325 8.80 -22.20 -7.76
CA TYR A 325 8.40 -22.68 -9.09
C TYR A 325 7.06 -22.07 -9.45
N GLY A 326 6.89 -21.71 -10.72
CA GLY A 326 5.68 -21.03 -11.16
C GLY A 326 5.75 -19.53 -11.01
N HIS A 327 4.77 -18.85 -11.58
CA HIS A 327 4.71 -17.38 -11.52
C HIS A 327 3.35 -16.91 -11.97
N GLY A 328 2.95 -15.72 -11.56
CA GLY A 328 1.68 -15.16 -12.00
C GLY A 328 1.63 -14.76 -13.47
N VAL A 329 2.79 -14.41 -14.03
CA VAL A 329 2.89 -13.91 -15.41
C VAL A 329 3.84 -14.77 -16.27
N LEU A 330 5.05 -15.00 -15.79
CA LEU A 330 6.01 -15.89 -16.51
C LEU A 330 5.40 -17.27 -16.76
N ARG A 331 5.62 -17.73 -17.98
CA ARG A 331 5.24 -19.07 -18.43
C ARG A 331 6.44 -19.91 -18.82
N LYS A 332 7.62 -19.32 -18.69
CA LYS A 332 8.88 -19.91 -19.13
C LYS A 332 9.97 -19.63 -18.10
N PRO A 333 11.18 -20.21 -18.27
CA PRO A 333 12.23 -20.00 -17.28
C PRO A 333 12.55 -18.52 -17.08
N ASP A 334 12.73 -18.16 -15.83
CA ASP A 334 12.94 -16.76 -15.40
C ASP A 334 14.42 -16.42 -15.64
N PRO A 335 14.72 -15.42 -16.50
CA PRO A 335 16.14 -15.11 -16.70
C PRO A 335 16.88 -14.61 -15.45
N ARG A 336 16.13 -14.16 -14.44
CA ARG A 336 16.72 -13.80 -13.16
C ARG A 336 17.21 -15.02 -12.42
N PHE A 337 16.48 -16.13 -12.54
CA PHE A 337 16.94 -17.39 -11.98
C PHE A 337 18.24 -17.83 -12.64
N GLN A 338 18.25 -17.82 -13.98
CA GLN A 338 19.47 -18.26 -14.67
C GLN A 338 20.66 -17.38 -14.33
N ALA A 339 20.42 -16.06 -14.16
CA ALA A 339 21.52 -15.18 -13.79
C ALA A 339 22.13 -15.55 -12.44
N LEU A 340 21.29 -15.92 -11.48
CA LEU A 340 21.80 -16.32 -10.17
C LEU A 340 22.51 -17.66 -10.24
N MET A 341 22.01 -18.61 -11.03
CA MET A 341 22.72 -19.90 -11.16
C MET A 341 24.10 -19.72 -11.83
N ASP A 342 24.16 -18.81 -12.81
CA ASP A 342 25.40 -18.52 -13.51
C ASP A 342 26.41 -17.80 -12.60
N PHE A 343 25.92 -17.08 -11.61
CA PHE A 343 26.80 -16.54 -10.56
C PHE A 343 27.59 -17.66 -9.85
N ALA A 344 26.89 -18.73 -9.50
CA ALA A 344 27.48 -19.91 -8.89
C ALA A 344 28.45 -20.65 -9.78
N ALA A 345 28.24 -20.57 -11.08
CA ALA A 345 29.01 -21.34 -12.07
C ALA A 345 30.51 -21.14 -12.02
N THR A 346 30.94 -19.95 -11.59
CA THR A 346 32.36 -19.63 -11.54
C THR A 346 32.97 -19.78 -10.16
N ARG A 347 32.23 -20.39 -9.25
CA ARG A 347 32.62 -20.43 -7.85
C ARG A 347 32.59 -21.85 -7.35
N PRO A 348 33.75 -22.51 -7.40
CA PRO A 348 33.79 -23.92 -7.02
C PRO A 348 33.23 -24.22 -5.66
N ASP A 349 33.42 -23.33 -4.69
N ASP A 349 33.42 -23.34 -4.68
CA ASP A 349 32.88 -23.59 -3.33
CA ASP A 349 32.89 -23.57 -3.33
C ASP A 349 31.35 -23.67 -3.32
C ASP A 349 31.36 -23.67 -3.32
N VAL A 350 30.71 -22.85 -4.14
CA VAL A 350 29.24 -22.88 -4.26
C VAL A 350 28.80 -24.17 -4.95
N LEU A 351 29.46 -24.54 -6.04
CA LEU A 351 29.10 -25.76 -6.77
C LEU A 351 29.26 -27.02 -5.93
N ALA A 352 30.19 -26.97 -4.97
CA ALA A 352 30.46 -28.08 -4.07
C ALA A 352 29.50 -28.14 -2.88
N ASN A 353 28.78 -27.06 -2.63
CA ASN A 353 27.93 -26.94 -1.47
C ASN A 353 26.71 -27.87 -1.67
N PRO A 354 26.52 -28.90 -0.82
CA PRO A 354 25.39 -29.81 -0.99
C PRO A 354 24.01 -29.15 -1.04
N VAL A 355 23.84 -28.03 -0.36
CA VAL A 355 22.56 -27.31 -0.38
C VAL A 355 22.33 -26.71 -1.78
N PHE A 356 23.41 -26.16 -2.36
CA PHE A 356 23.31 -25.66 -3.73
C PHE A 356 23.07 -26.81 -4.71
N GLN A 357 23.77 -27.91 -4.52
CA GLN A 357 23.56 -29.09 -5.38
C GLN A 357 22.12 -29.57 -5.36
N LEU A 358 21.47 -29.48 -4.20
CA LEU A 358 20.09 -29.88 -4.08
C LEU A 358 19.17 -28.91 -4.79
N VAL A 359 19.42 -27.60 -4.66
CA VAL A 359 18.70 -26.61 -5.47
C VAL A 359 18.86 -26.90 -6.97
N LYS A 360 20.10 -27.13 -7.40
CA LYS A 360 20.39 -27.44 -8.81
C LYS A 360 19.64 -28.70 -9.29
N LYS A 361 19.77 -29.78 -8.54
CA LYS A 361 19.10 -31.03 -8.92
C LYS A 361 17.60 -30.87 -8.96
N ASN A 362 17.05 -30.21 -7.95
CA ASN A 362 15.62 -29.92 -7.97
C ASN A 362 15.19 -29.14 -9.22
N SER A 363 16.02 -28.20 -9.66
CA SER A 363 15.71 -27.42 -10.86
C SER A 363 15.69 -28.27 -12.14
N GLU A 364 16.37 -29.40 -12.09
CA GLU A 364 16.44 -30.34 -13.21
C GLU A 364 15.33 -31.39 -13.22
N ILE A 365 14.66 -31.54 -12.08
CA ILE A 365 13.69 -32.62 -11.88
C ILE A 365 12.27 -32.07 -11.70
N ALA A 366 12.14 -31.01 -10.90
CA ALA A 366 10.84 -30.48 -10.55
C ALA A 366 9.97 -30.10 -11.72
N PRO A 367 10.53 -29.46 -12.77
CA PRO A 367 9.60 -29.00 -13.81
C PRO A 367 8.85 -30.16 -14.50
N ALA A 368 9.52 -31.29 -14.69
CA ALA A 368 8.85 -32.44 -15.31
C ALA A 368 7.80 -33.01 -14.37
N VAL A 369 8.13 -33.11 -13.09
CA VAL A 369 7.17 -33.61 -12.10
C VAL A 369 5.95 -32.70 -12.01
N LEU A 370 6.17 -31.38 -11.92
CA LEU A 370 5.08 -30.42 -11.85
C LEU A 370 4.19 -30.47 -13.09
N THR A 371 4.78 -30.68 -14.25
CA THR A 371 4.02 -30.79 -15.50
C THR A 371 3.17 -32.06 -15.50
N GLU A 372 3.76 -33.16 -15.04
CA GLU A 372 3.04 -34.41 -14.97
C GLU A 372 1.85 -34.31 -14.02
N HIS A 373 2.08 -33.66 -12.88
CA HIS A 373 1.05 -33.48 -11.85
C HIS A 373 -0.11 -32.62 -12.38
N GLY A 374 0.23 -31.61 -13.18
CA GLY A 374 -0.76 -30.97 -14.07
C GLY A 374 -1.51 -29.78 -13.53
N LYS A 375 -1.20 -29.37 -12.30
CA LYS A 375 -1.95 -28.34 -11.60
C LYS A 375 -1.39 -26.92 -11.77
N THR A 376 -0.10 -26.76 -12.09
CA THR A 376 0.48 -25.43 -12.39
C THR A 376 0.39 -24.98 -13.87
N LYS A 377 0.35 -23.67 -14.10
CA LYS A 377 0.47 -23.11 -15.45
C LYS A 377 1.91 -22.83 -15.85
N ASN A 378 2.83 -22.87 -14.89
CA ASN A 378 4.24 -22.59 -15.15
C ASN A 378 5.04 -23.51 -14.26
N PRO A 379 5.68 -24.54 -14.84
CA PRO A 379 6.41 -25.48 -13.99
C PRO A 379 7.88 -25.09 -13.78
N HIS A 380 8.26 -23.91 -14.23
CA HIS A 380 9.66 -23.48 -14.25
C HIS A 380 10.06 -22.75 -13.00
N PRO A 381 11.37 -22.78 -12.69
CA PRO A 381 11.83 -22.03 -11.52
C PRO A 381 11.70 -20.53 -11.73
N ASN A 382 11.44 -19.80 -10.64
CA ASN A 382 11.55 -18.35 -10.67
C ASN A 382 12.74 -17.98 -9.82
N VAL A 383 13.08 -16.68 -9.76
CA VAL A 383 14.29 -16.24 -9.09
C VAL A 383 14.35 -16.67 -7.60
N ASP A 384 13.21 -16.77 -6.95
CA ASP A 384 13.17 -17.16 -5.56
C ASP A 384 13.70 -18.59 -5.31
N ALA A 385 13.76 -19.42 -6.36
CA ALA A 385 14.32 -20.75 -6.24
C ALA A 385 15.80 -20.75 -5.87
N ALA A 386 16.52 -19.70 -6.28
CA ALA A 386 17.97 -19.67 -6.14
C ALA A 386 18.53 -18.68 -5.14
N SER A 387 17.81 -17.61 -4.84
CA SER A 387 18.43 -16.49 -4.10
C SER A 387 18.85 -16.87 -2.68
N GLY A 388 17.96 -17.56 -1.98
CA GLY A 388 18.20 -17.91 -0.59
C GLY A 388 19.42 -18.76 -0.35
N VAL A 389 19.61 -19.78 -1.18
CA VAL A 389 20.75 -20.69 -1.00
C VAL A 389 22.09 -19.97 -1.17
N LEU A 390 22.13 -18.99 -2.07
CA LEU A 390 23.35 -18.24 -2.28
C LEU A 390 23.67 -17.36 -1.10
N PHE A 391 22.66 -16.69 -0.53
CA PHE A 391 22.86 -15.97 0.73
C PHE A 391 23.35 -16.93 1.84
N TYR A 392 22.70 -18.08 1.92
CA TYR A 392 23.04 -19.06 2.93
C TYR A 392 24.47 -19.54 2.83
N HIS A 393 24.90 -19.84 1.61
CA HIS A 393 26.29 -20.23 1.35
C HIS A 393 27.29 -19.24 1.91
N TYR A 394 27.01 -17.95 1.72
CA TYR A 394 27.92 -16.89 2.17
C TYR A 394 27.76 -16.51 3.62
N GLY A 395 26.99 -17.29 4.38
CA GLY A 395 26.86 -17.09 5.83
C GLY A 395 25.76 -16.16 6.30
N PHE A 396 24.90 -15.75 5.39
CA PHE A 396 23.73 -14.99 5.72
C PHE A 396 22.64 -16.03 5.86
N GLN A 397 22.59 -16.66 7.04
CA GLN A 397 21.82 -17.89 7.22
C GLN A 397 20.53 -17.78 8.03
N GLN A 398 20.02 -16.56 8.17
CA GLN A 398 18.78 -16.29 8.87
C GLN A 398 17.74 -15.91 7.80
N PRO A 399 16.99 -16.90 7.24
CA PRO A 399 16.13 -16.61 6.09
C PRO A 399 15.03 -15.60 6.35
N LEU A 400 14.66 -15.34 7.60
CA LEU A 400 13.66 -14.27 7.92
C LEU A 400 14.05 -12.90 7.36
N TYR A 401 15.35 -12.69 7.17
CA TYR A 401 15.86 -11.42 6.64
C TYR A 401 16.06 -11.37 5.14
N TYR A 402 15.80 -12.47 4.42
CA TYR A 402 15.91 -12.44 2.98
C TYR A 402 14.88 -11.52 2.40
N THR A 403 13.70 -11.42 2.97
CA THR A 403 12.72 -10.49 2.46
C THR A 403 13.12 -9.02 2.71
N VAL A 404 13.88 -8.79 3.78
CA VAL A 404 14.38 -7.46 4.06
C VAL A 404 15.32 -7.00 2.95
N THR A 405 16.19 -7.90 2.48
CA THR A 405 17.09 -7.56 1.35
C THR A 405 16.28 -7.33 0.07
N PHE A 406 15.21 -8.10 -0.12
CA PHE A 406 14.27 -7.89 -1.24
C PHE A 406 13.68 -6.48 -1.13
N GLY A 407 13.30 -6.08 0.09
CA GLY A 407 12.76 -4.73 0.33
C GLY A 407 13.71 -3.62 -0.07
N VAL A 408 14.99 -3.79 0.19
CA VAL A 408 15.99 -2.82 -0.26
C VAL A 408 16.05 -2.75 -1.77
N SER A 409 16.14 -3.92 -2.43
CA SER A 409 16.19 -3.96 -3.91
C SER A 409 14.96 -3.32 -4.54
N ARG A 410 13.79 -3.69 -4.04
CA ARG A 410 12.55 -3.35 -4.71
C ARG A 410 12.10 -1.89 -4.50
N ALA A 411 12.88 -1.10 -3.77
CA ALA A 411 12.73 0.35 -3.79
C ALA A 411 13.07 0.92 -5.17
N LEU A 412 14.01 0.27 -5.87
CA LEU A 412 14.60 0.85 -7.09
C LEU A 412 13.57 1.18 -8.17
N GLY A 413 12.85 0.17 -8.65
CA GLY A 413 11.95 0.34 -9.78
C GLY A 413 10.71 1.17 -9.48
N PRO A 414 10.06 0.85 -8.36
CA PRO A 414 8.86 1.62 -7.97
C PRO A 414 9.11 3.09 -7.70
N LEU A 415 10.26 3.44 -7.12
CA LEU A 415 10.58 4.86 -6.94
C LEU A 415 10.80 5.57 -8.29
N VAL A 416 11.47 4.88 -9.22
CA VAL A 416 11.59 5.40 -10.59
C VAL A 416 10.20 5.71 -11.18
N GLN A 417 9.26 4.78 -11.06
CA GLN A 417 7.96 5.04 -11.62
C GLN A 417 7.22 6.16 -10.90
N LEU A 418 7.36 6.30 -9.58
CA LEU A 418 6.73 7.42 -8.89
C LEU A 418 7.22 8.77 -9.44
N ILE A 419 8.52 8.86 -9.70
CA ILE A 419 9.08 10.08 -10.30
C ILE A 419 8.41 10.36 -11.64
N TRP A 420 8.32 9.33 -12.50
CA TRP A 420 7.62 9.49 -13.78
C TRP A 420 6.13 9.74 -13.64
N ASP A 421 5.48 9.09 -12.69
CA ASP A 421 4.06 9.37 -12.44
C ASP A 421 3.87 10.87 -12.22
N ARG A 422 4.74 11.46 -11.39
CA ARG A 422 4.62 12.89 -11.06
C ARG A 422 5.08 13.79 -12.22
N ALA A 423 6.13 13.37 -12.94
CA ALA A 423 6.60 14.15 -14.08
C ALA A 423 5.52 14.23 -15.16
N LEU A 424 4.79 13.12 -15.35
CA LEU A 424 3.74 13.05 -16.38
C LEU A 424 2.41 13.60 -15.93
N GLY A 425 2.20 13.75 -14.62
CA GLY A 425 0.92 14.18 -14.11
C GLY A 425 -0.17 13.14 -14.11
N LEU A 426 0.21 11.89 -13.89
CA LEU A 426 -0.78 10.81 -13.85
C LEU A 426 -1.75 10.99 -12.68
N PRO A 427 -3.02 10.64 -12.91
CA PRO A 427 -4.04 10.85 -11.92
C PRO A 427 -4.07 9.77 -10.87
N ILE A 428 -4.97 9.96 -9.92
CA ILE A 428 -5.21 8.96 -8.90
C ILE A 428 -5.62 7.64 -9.56
N GLU A 429 -5.15 6.51 -9.02
CA GLU A 429 -5.60 5.20 -9.49
C GLU A 429 -6.89 4.89 -8.75
N ARG A 430 -7.98 4.72 -9.49
CA ARG A 430 -9.31 4.61 -8.93
C ARG A 430 -10.19 3.81 -9.92
N PRO A 431 -10.06 2.48 -9.94
CA PRO A 431 -10.93 1.69 -10.80
C PRO A 431 -12.37 1.65 -10.25
N LYS A 432 -13.27 0.98 -10.95
CA LYS A 432 -14.62 0.75 -10.49
C LYS A 432 -14.72 -0.67 -9.96
N SER A 433 -15.43 -0.86 -8.85
CA SER A 433 -15.72 -2.21 -8.36
C SER A 433 -17.12 -2.65 -8.72
N ILE A 434 -17.35 -3.94 -8.56
CA ILE A 434 -18.68 -4.50 -8.71
C ILE A 434 -18.85 -5.67 -7.76
N ASN A 435 -20.09 -5.99 -7.42
CA ASN A 435 -20.37 -7.12 -6.55
C ASN A 435 -20.74 -8.35 -7.39
N LEU A 436 -20.69 -9.52 -6.77
CA LEU A 436 -21.06 -10.77 -7.46
C LEU A 436 -22.47 -10.71 -8.02
N LEU A 437 -23.39 -10.09 -7.28
CA LEU A 437 -24.77 -9.93 -7.78
C LEU A 437 -24.81 -9.17 -9.08
N GLY A 438 -23.96 -8.15 -9.21
CA GLY A 438 -23.86 -7.39 -10.45
C GLY A 438 -23.26 -8.14 -11.61
N LEU A 439 -22.47 -9.17 -11.34
CA LEU A 439 -21.89 -10.03 -12.37
C LEU A 439 -22.81 -11.15 -12.78
N LYS A 440 -23.80 -11.41 -11.94
CA LYS A 440 -24.77 -12.47 -12.15
C LYS A 440 -25.82 -11.87 -13.06
N LYS A 441 -26.31 -10.71 -12.66
CA LYS A 441 -27.24 -9.92 -13.47
C LYS A 441 -27.33 -8.48 -12.95
N ALA B 7 -29.27 -15.61 24.17
CA ALA B 7 -28.70 -14.52 23.31
C ALA B 7 -28.90 -14.86 21.84
N GLU B 8 -29.07 -13.83 21.03
CA GLU B 8 -29.23 -13.97 19.59
C GLU B 8 -27.86 -14.28 18.97
N PRO B 9 -27.84 -14.71 17.70
CA PRO B 9 -26.54 -15.04 17.12
C PRO B 9 -25.52 -13.89 17.20
N ASP B 10 -24.28 -14.18 17.56
CA ASP B 10 -23.24 -13.16 17.52
C ASP B 10 -22.76 -12.97 16.07
N LEU B 11 -21.85 -12.03 15.87
CA LEU B 11 -21.46 -11.64 14.53
C LEU B 11 -20.79 -12.78 13.77
N LYS B 12 -19.87 -13.50 14.40
CA LYS B 12 -19.18 -14.59 13.72
C LYS B 12 -20.17 -15.66 13.30
N THR B 13 -21.13 -15.93 14.17
CA THR B 13 -22.15 -16.93 13.88
C THR B 13 -23.04 -16.45 12.71
N ALA B 14 -23.41 -15.18 12.73
CA ALA B 14 -24.21 -14.61 11.64
C ALA B 14 -23.44 -14.62 10.31
N LEU B 15 -22.14 -14.36 10.34
CA LEU B 15 -21.31 -14.46 9.13
C LEU B 15 -21.24 -15.90 8.66
N LYS B 16 -20.96 -16.84 9.58
CA LYS B 16 -20.92 -18.26 9.20
C LYS B 16 -22.17 -18.69 8.46
N ALA B 17 -23.32 -18.16 8.88
CA ALA B 17 -24.61 -18.53 8.28
C ALA B 17 -24.74 -18.14 6.83
N VAL B 18 -24.04 -17.07 6.42
CA VAL B 18 -24.16 -16.54 5.06
C VAL B 18 -22.97 -16.87 4.15
N ILE B 19 -21.92 -17.48 4.69
CA ILE B 19 -20.75 -17.90 3.88
C ILE B 19 -21.15 -18.92 2.79
N PRO B 20 -21.96 -19.96 3.14
CA PRO B 20 -22.31 -20.92 2.08
C PRO B 20 -22.99 -20.33 0.85
N ALA B 21 -23.98 -19.47 1.07
CA ALA B 21 -24.68 -18.87 -0.05
C ALA B 21 -23.75 -18.02 -0.92
N LYS B 22 -22.82 -17.31 -0.30
CA LYS B 22 -21.90 -16.51 -1.08
C LYS B 22 -20.95 -17.38 -1.89
N ARG B 23 -20.47 -18.47 -1.29
CA ARG B 23 -19.63 -19.40 -2.03
C ARG B 23 -20.38 -20.03 -3.23
N GLU B 24 -21.66 -20.27 -3.04
CA GLU B 24 -22.47 -20.83 -4.12
C GLU B 24 -22.69 -19.81 -5.26
N LEU B 25 -22.94 -18.55 -4.89
CA LEU B 25 -23.04 -17.48 -5.87
C LEU B 25 -21.73 -17.30 -6.63
N PHE B 26 -20.62 -17.37 -5.89
CA PHE B 26 -19.31 -17.28 -6.51
C PHE B 26 -19.06 -18.39 -7.52
N LYS B 27 -19.47 -19.60 -7.18
CA LYS B 27 -19.37 -20.72 -8.17
C LYS B 27 -20.13 -20.40 -9.44
N GLN B 28 -21.34 -19.86 -9.30
CA GLN B 28 -22.18 -19.51 -10.42
C GLN B 28 -21.55 -18.43 -11.30
N VAL B 29 -20.99 -17.40 -10.66
CA VAL B 29 -20.29 -16.35 -11.39
C VAL B 29 -19.05 -16.88 -12.11
N LYS B 30 -18.35 -17.80 -11.46
CA LYS B 30 -17.14 -18.39 -12.02
C LYS B 30 -17.44 -19.21 -13.28
N GLU B 31 -18.63 -19.80 -13.35
CA GLU B 31 -19.06 -20.48 -14.59
C GLU B 31 -19.15 -19.54 -15.78
N ARG B 32 -19.34 -18.25 -15.51
CA ARG B 32 -19.38 -17.23 -16.54
C ARG B 32 -18.07 -16.46 -16.71
N SER B 33 -16.97 -17.06 -16.27
CA SER B 33 -15.64 -16.45 -16.29
C SER B 33 -15.27 -15.85 -17.63
N ASP B 34 -15.64 -16.55 -18.69
CA ASP B 34 -15.28 -16.14 -20.05
C ASP B 34 -16.16 -15.07 -20.67
N GLU B 35 -17.23 -14.67 -19.99
CA GLU B 35 -18.13 -13.63 -20.50
C GLU B 35 -17.47 -12.25 -20.48
N VAL B 36 -17.57 -11.57 -21.63
CA VAL B 36 -17.08 -10.22 -21.80
C VAL B 36 -18.07 -9.27 -21.21
N ILE B 37 -17.58 -8.40 -20.31
CA ILE B 37 -18.40 -7.40 -19.64
C ILE B 37 -18.02 -5.97 -19.94
N GLY B 38 -16.97 -5.75 -20.72
CA GLY B 38 -16.54 -4.39 -21.00
C GLY B 38 -15.32 -4.35 -21.90
N GLU B 39 -14.87 -3.15 -22.23
CA GLU B 39 -13.68 -2.95 -23.04
C GLU B 39 -12.63 -2.18 -22.27
N VAL B 40 -11.38 -2.41 -22.62
CA VAL B 40 -10.26 -1.64 -22.12
C VAL B 40 -9.85 -0.69 -23.23
N LYS B 41 -9.72 0.58 -22.87
CA LYS B 41 -9.25 1.62 -23.75
C LYS B 41 -7.94 2.16 -23.25
N VAL B 42 -7.24 2.83 -24.15
CA VAL B 42 -5.98 3.50 -23.79
C VAL B 42 -6.21 4.39 -22.56
N ALA B 43 -7.33 5.11 -22.53
CA ALA B 43 -7.71 5.99 -21.42
C ALA B 43 -7.65 5.32 -20.06
N ASN B 44 -8.07 4.07 -20.02
CA ASN B 44 -8.07 3.32 -18.77
C ASN B 44 -6.65 3.06 -18.26
N VAL B 45 -5.70 2.84 -19.16
CA VAL B 45 -4.33 2.54 -18.78
C VAL B 45 -3.62 3.80 -18.28
N ILE B 46 -3.71 4.85 -19.07
CA ILE B 46 -3.02 6.09 -18.73
C ILE B 46 -3.73 6.90 -17.65
N GLY B 47 -5.02 6.60 -17.45
CA GLY B 47 -5.87 7.42 -16.58
C GLY B 47 -6.22 6.78 -15.24
N GLY B 48 -5.30 6.00 -14.68
CA GLY B 48 -5.52 5.42 -13.35
C GLY B 48 -6.71 4.48 -13.24
N MET B 49 -6.93 3.70 -14.30
CA MET B 49 -8.04 2.73 -14.36
C MET B 49 -9.45 3.34 -14.29
N ARG B 50 -9.57 4.63 -14.57
CA ARG B 50 -10.86 5.31 -14.37
C ARG B 50 -11.91 4.67 -15.26
N GLY B 51 -13.03 4.29 -14.67
CA GLY B 51 -14.13 3.67 -15.39
C GLY B 51 -14.00 2.19 -15.68
N LEU B 52 -12.90 1.57 -15.27
CA LEU B 52 -12.65 0.16 -15.59
C LEU B 52 -13.16 -0.71 -14.47
N LYS B 53 -14.18 -1.52 -14.75
CA LYS B 53 -14.77 -2.42 -13.75
C LYS B 53 -13.84 -3.58 -13.62
N SER B 54 -13.00 -3.59 -12.58
CA SER B 54 -11.90 -4.54 -12.54
C SER B 54 -11.62 -5.22 -11.21
N MET B 55 -12.49 -5.04 -10.23
CA MET B 55 -12.32 -5.70 -8.94
C MET B 55 -13.67 -5.97 -8.27
N LEU B 56 -13.66 -6.94 -7.38
CA LEU B 56 -14.86 -7.34 -6.65
C LEU B 56 -14.97 -6.58 -5.33
N TRP B 57 -16.18 -6.15 -5.00
CA TRP B 57 -16.43 -5.60 -3.66
C TRP B 57 -17.89 -5.83 -3.36
N GLU B 58 -18.16 -6.53 -2.26
CA GLU B 58 -19.50 -7.03 -1.97
C GLU B 58 -20.43 -6.09 -1.23
N GLY B 59 -19.88 -5.33 -0.28
CA GLY B 59 -20.70 -4.66 0.71
C GLY B 59 -21.31 -3.33 0.27
N SER B 60 -20.72 -2.70 -0.74
CA SER B 60 -21.18 -1.43 -1.27
C SER B 60 -20.82 -1.27 -2.74
N VAL B 61 -21.64 -0.49 -3.45
CA VAL B 61 -21.45 -0.22 -4.86
C VAL B 61 -21.76 1.26 -5.03
N LEU B 62 -20.85 1.99 -5.65
CA LEU B 62 -20.99 3.42 -5.82
C LEU B 62 -21.60 3.73 -7.18
N ASP B 63 -22.78 4.35 -7.16
CA ASP B 63 -23.46 4.78 -8.36
C ASP B 63 -22.98 6.20 -8.68
N PRO B 64 -22.54 6.43 -9.92
CA PRO B 64 -22.07 7.79 -10.24
C PRO B 64 -23.11 8.90 -10.10
N GLU B 65 -24.37 8.57 -10.31
CA GLU B 65 -25.42 9.58 -10.26
C GLU B 65 -26.05 9.65 -8.87
N GLU B 66 -26.23 8.50 -8.22
CA GLU B 66 -26.98 8.41 -6.97
C GLU B 66 -26.14 8.32 -5.72
N GLY B 67 -24.86 8.01 -5.89
CA GLY B 67 -23.99 7.89 -4.73
C GLY B 67 -23.98 6.49 -4.16
N ILE B 68 -23.46 6.38 -2.95
CA ILE B 68 -23.18 5.07 -2.39
C ILE B 68 -24.45 4.32 -1.99
N ARG B 69 -24.42 3.00 -2.16
CA ARG B 69 -25.41 2.09 -1.62
C ARG B 69 -24.68 0.99 -0.88
N PHE B 70 -25.26 0.55 0.22
CA PHE B 70 -24.72 -0.54 1.05
C PHE B 70 -25.71 -1.69 0.97
N HIS B 71 -25.35 -2.80 0.32
CA HIS B 71 -26.30 -3.90 0.04
C HIS B 71 -27.61 -3.37 -0.53
N GLY B 72 -27.45 -2.40 -1.43
CA GLY B 72 -28.54 -1.77 -2.15
C GLY B 72 -29.33 -0.74 -1.37
N LYS B 73 -28.96 -0.45 -0.12
CA LYS B 73 -29.62 0.52 0.72
C LYS B 73 -28.94 1.88 0.62
N THR B 74 -29.73 2.95 0.61
CA THR B 74 -29.20 4.31 0.66
C THR B 74 -28.75 4.66 2.06
N ILE B 75 -28.00 5.75 2.16
CA ILE B 75 -27.66 6.33 3.45
C ILE B 75 -28.94 6.57 4.29
N LYS B 76 -29.95 7.16 3.69
CA LYS B 76 -31.22 7.38 4.39
C LYS B 76 -31.89 6.10 4.91
N ASP B 77 -31.85 5.06 4.09
CA ASP B 77 -32.35 3.73 4.48
C ASP B 77 -31.61 3.26 5.71
N CYS B 78 -30.28 3.39 5.70
CA CYS B 78 -29.46 2.95 6.85
C CYS B 78 -29.74 3.77 8.10
N GLN B 79 -29.92 5.07 7.92
CA GLN B 79 -30.22 5.95 9.03
C GLN B 79 -31.53 5.54 9.71
N LYS B 80 -32.52 5.13 8.90
CA LYS B 80 -33.77 4.66 9.44
C LYS B 80 -33.62 3.29 10.10
N GLU B 81 -32.96 2.35 9.41
CA GLU B 81 -33.02 0.95 9.77
C GLU B 81 -31.99 0.46 10.78
N LEU B 82 -30.80 1.04 10.78
CA LEU B 82 -29.76 0.56 11.68
C LEU B 82 -30.00 0.95 13.12
N PRO B 83 -29.66 0.06 14.06
CA PRO B 83 -29.74 0.43 15.47
C PRO B 83 -28.97 1.69 15.86
N LYS B 84 -29.50 2.35 16.88
CA LYS B 84 -28.91 3.54 17.51
C LYS B 84 -28.27 3.16 18.84
N GLY B 85 -27.55 4.12 19.43
CA GLY B 85 -26.98 4.00 20.76
C GLY B 85 -28.04 4.08 21.86
N THR B 86 -27.59 3.97 23.10
CA THR B 86 -28.47 4.08 24.25
C THR B 86 -28.95 5.51 24.44
N SER B 87 -28.20 6.48 23.90
CA SER B 87 -28.66 7.85 23.70
C SER B 87 -28.43 8.23 22.27
N GLY B 88 -29.09 9.29 21.83
CA GLY B 88 -28.85 9.84 20.52
C GLY B 88 -29.72 9.28 19.44
N THR B 89 -29.63 9.91 18.28
CA THR B 89 -30.48 9.51 17.16
C THR B 89 -29.75 9.03 15.90
N GLU B 90 -28.42 9.02 15.89
CA GLU B 90 -27.71 8.64 14.67
C GLU B 90 -27.35 7.15 14.69
N MET B 91 -27.33 6.58 13.48
CA MET B 91 -26.96 5.19 13.27
C MET B 91 -25.58 4.86 13.79
N LEU B 92 -25.43 3.67 14.33
CA LEU B 92 -24.14 3.23 14.85
C LEU B 92 -23.22 2.65 13.77
N PRO B 93 -21.95 3.08 13.75
CA PRO B 93 -21.02 2.49 12.79
C PRO B 93 -20.81 0.98 13.01
N GLU B 94 -20.91 0.50 14.24
CA GLU B 94 -20.79 -0.95 14.44
C GLU B 94 -22.01 -1.72 13.85
N ALA B 95 -23.17 -1.05 13.80
CA ALA B 95 -24.34 -1.59 13.09
C ALA B 95 -24.11 -1.62 11.58
N MET B 96 -23.50 -0.55 11.07
CA MET B 96 -23.07 -0.52 9.66
C MET B 96 -22.11 -1.67 9.34
N PHE B 97 -21.14 -1.92 10.23
CA PHE B 97 -20.17 -3.03 10.03
C PHE B 97 -20.91 -4.37 9.94
N TRP B 98 -21.84 -4.59 10.86
CA TRP B 98 -22.68 -5.79 10.83
C TRP B 98 -23.40 -5.97 9.48
N LEU B 99 -24.05 -4.90 9.02
CA LEU B 99 -24.72 -4.92 7.74
C LEU B 99 -23.75 -5.19 6.58
N LEU B 100 -22.63 -4.48 6.56
CA LEU B 100 -21.69 -4.66 5.48
C LEU B 100 -21.24 -6.11 5.41
N LEU B 101 -20.96 -6.70 6.58
CA LEU B 101 -20.40 -8.04 6.61
C LEU B 101 -21.40 -9.13 6.25
N THR B 102 -22.60 -9.05 6.84
CA THR B 102 -23.58 -10.11 6.74
C THR B 102 -24.63 -9.90 5.66
N GLY B 103 -24.78 -8.64 5.24
CA GLY B 103 -25.88 -8.25 4.36
C GLY B 103 -27.21 -8.13 5.09
N GLN B 104 -27.19 -8.18 6.42
CA GLN B 104 -28.41 -8.16 7.25
C GLN B 104 -28.34 -7.07 8.28
N VAL B 105 -29.51 -6.51 8.60
CA VAL B 105 -29.62 -5.51 9.63
C VAL B 105 -29.69 -6.23 10.97
N PRO B 106 -28.73 -5.97 11.88
CA PRO B 106 -28.79 -6.61 13.18
C PRO B 106 -29.90 -6.04 14.03
N SER B 107 -30.34 -6.83 15.00
CA SER B 107 -31.18 -6.32 16.06
C SER B 107 -30.37 -5.38 16.96
N THR B 108 -31.08 -4.53 17.69
CA THR B 108 -30.44 -3.66 18.67
C THR B 108 -29.71 -4.56 19.70
N ASN B 109 -30.33 -5.65 20.13
CA ASN B 109 -29.66 -6.55 21.09
C ASN B 109 -28.32 -7.12 20.57
N GLN B 110 -28.31 -7.50 19.29
CA GLN B 110 -27.08 -7.96 18.65
C GLN B 110 -26.03 -6.87 18.62
N VAL B 111 -26.43 -5.64 18.29
CA VAL B 111 -25.46 -4.54 18.27
C VAL B 111 -24.93 -4.26 19.67
N ARG B 112 -25.80 -4.28 20.67
CA ARG B 112 -25.34 -4.07 22.05
C ARG B 112 -24.24 -5.05 22.43
N ALA B 113 -24.46 -6.32 22.10
CA ALA B 113 -23.46 -7.33 22.43
C ALA B 113 -22.13 -7.12 21.68
N PHE B 114 -22.23 -6.76 20.40
CA PHE B 114 -21.05 -6.46 19.59
C PHE B 114 -20.28 -5.23 20.12
N SER B 115 -21.00 -4.18 20.49
CA SER B 115 -20.37 -3.00 21.07
C SER B 115 -19.58 -3.38 22.34
N ARG B 116 -20.14 -4.28 23.15
CA ARG B 116 -19.46 -4.72 24.35
C ARG B 116 -18.16 -5.45 24.03
N GLU B 117 -18.19 -6.31 23.01
CA GLU B 117 -16.98 -6.98 22.50
C GLU B 117 -15.92 -5.99 22.05
N LEU B 118 -16.33 -4.97 21.29
CA LEU B 118 -15.37 -3.95 20.87
C LEU B 118 -14.75 -3.22 22.05
N ALA B 119 -15.53 -2.93 23.10
CA ALA B 119 -14.95 -2.28 24.28
C ALA B 119 -13.93 -3.17 25.00
N GLU B 120 -14.30 -4.44 25.14
CA GLU B 120 -13.46 -5.45 25.82
C GLU B 120 -12.13 -5.69 25.13
N GLN B 121 -12.13 -5.63 23.79
CA GLN B 121 -10.96 -5.94 23.00
C GLN B 121 -10.04 -4.75 22.68
N SER B 122 -10.27 -3.61 23.32
CA SER B 122 -9.60 -2.37 22.95
C SER B 122 -8.24 -2.11 23.55
N HIS B 123 -7.75 -2.98 24.45
CA HIS B 123 -6.47 -2.69 25.11
C HIS B 123 -5.29 -2.97 24.20
N LEU B 124 -4.19 -2.30 24.49
CA LEU B 124 -2.99 -2.35 23.65
C LEU B 124 -1.80 -2.93 24.37
N PRO B 125 -0.94 -3.67 23.65
CA PRO B 125 0.34 -4.11 24.23
C PRO B 125 1.26 -2.92 24.56
N GLN B 126 2.10 -3.08 25.57
CA GLN B 126 3.00 -2.03 26.00
C GLN B 126 3.89 -1.52 24.89
N HIS B 127 4.35 -2.42 24.01
CA HIS B 127 5.25 -1.97 22.94
C HIS B 127 4.58 -0.97 22.00
N ILE B 128 3.26 -1.02 21.84
CA ILE B 128 2.58 -0.01 21.03
C ILE B 128 2.62 1.38 21.66
N LEU B 129 2.41 1.42 22.97
CA LEU B 129 2.55 2.67 23.71
C LEU B 129 3.99 3.20 23.61
N ASP B 130 4.97 2.31 23.76
CA ASP B 130 6.38 2.71 23.63
C ASP B 130 6.74 3.26 22.25
N LEU B 131 6.25 2.59 21.22
CA LEU B 131 6.40 3.03 19.83
C LEU B 131 5.84 4.43 19.63
N ILE B 132 4.61 4.65 20.07
CA ILE B 132 4.00 5.96 19.93
C ILE B 132 4.76 7.06 20.68
N LYS B 133 5.26 6.74 21.86
CA LYS B 133 6.09 7.70 22.60
C LYS B 133 7.42 8.04 21.93
N SER B 134 7.87 7.21 21.01
CA SER B 134 9.08 7.50 20.23
C SER B 134 8.85 8.51 19.10
N PHE B 135 7.60 8.77 18.73
CA PHE B 135 7.34 9.66 17.60
C PHE B 135 7.74 11.11 17.94
N PRO B 136 8.41 11.80 17.01
CA PRO B 136 8.66 13.21 17.27
C PRO B 136 7.39 14.03 17.08
N ARG B 137 7.37 15.21 17.68
CA ARG B 137 6.23 16.10 17.52
C ARG B 137 6.03 16.55 16.09
N SER B 138 7.07 16.51 15.27
CA SER B 138 6.92 16.88 13.86
C SER B 138 6.28 15.79 12.97
N MET B 139 6.02 14.61 13.52
CA MET B 139 5.53 13.52 12.67
C MET B 139 4.05 13.73 12.42
N HIS B 140 3.66 13.75 11.15
CA HIS B 140 2.28 13.96 10.80
C HIS B 140 1.38 12.89 11.45
N PRO B 141 0.21 13.31 11.97
CA PRO B 141 -0.70 12.34 12.59
C PRO B 141 -1.08 11.11 11.77
N MET B 142 -1.22 11.24 10.45
CA MET B 142 -1.50 10.05 9.62
C MET B 142 -0.33 9.11 9.46
N THR B 143 0.89 9.64 9.53
CA THR B 143 2.05 8.77 9.56
C THR B 143 2.05 7.99 10.87
N GLN B 144 1.78 8.67 11.99
CA GLN B 144 1.66 8.02 13.30
C GLN B 144 0.64 6.89 13.29
N LEU B 145 -0.55 7.19 12.79
CA LEU B 145 -1.63 6.21 12.77
C LEU B 145 -1.27 4.99 11.90
N SER B 146 -0.75 5.24 10.70
CA SER B 146 -0.38 4.13 9.79
C SER B 146 0.62 3.18 10.43
N ILE B 147 1.65 3.75 11.03
CA ILE B 147 2.69 2.98 11.69
C ILE B 147 2.17 2.15 12.86
N ALA B 148 1.35 2.76 13.70
CA ALA B 148 0.89 2.10 14.92
C ALA B 148 -0.02 0.92 14.58
N VAL B 149 -0.84 1.09 13.54
CA VAL B 149 -1.67 0.01 13.05
C VAL B 149 -0.80 -1.14 12.48
N ALA B 150 0.20 -0.85 11.65
CA ALA B 150 1.10 -1.92 11.18
C ALA B 150 1.77 -2.65 12.35
N ALA B 151 2.19 -1.88 13.37
CA ALA B 151 2.89 -2.45 14.52
C ALA B 151 2.04 -3.44 15.29
N LEU B 152 0.72 -3.30 15.24
CA LEU B 152 -0.20 -4.23 15.87
C LEU B 152 -0.23 -5.63 15.23
N ASN B 153 0.47 -5.81 14.11
CA ASN B 153 0.60 -7.13 13.48
C ASN B 153 1.34 -8.10 14.39
N THR B 154 2.05 -7.59 15.40
CA THR B 154 2.57 -8.47 16.46
C THR B 154 1.45 -9.31 17.09
N GLU B 155 0.21 -8.80 17.04
CA GLU B 155 -0.96 -9.43 17.63
C GLU B 155 -1.79 -10.21 16.62
N SER B 156 -1.26 -10.45 15.41
CA SER B 156 -2.08 -11.06 14.34
C SER B 156 -2.24 -12.58 14.48
N LYS B 157 -3.48 -13.01 14.67
CA LYS B 157 -3.80 -14.43 14.65
C LYS B 157 -3.65 -15.04 13.27
N PHE B 158 -3.97 -14.26 12.23
CA PHE B 158 -3.83 -14.77 10.86
C PHE B 158 -2.37 -15.01 10.53
N ALA B 159 -1.50 -14.05 10.86
CA ALA B 159 -0.08 -14.19 10.52
C ALA B 159 0.50 -15.46 11.17
N LYS B 160 0.20 -15.64 12.46
CA LYS B 160 0.67 -16.80 13.20
C LYS B 160 0.06 -18.10 12.70
N ALA B 161 -1.25 -18.10 12.43
CA ALA B 161 -1.88 -19.34 11.94
C ALA B 161 -1.43 -19.74 10.54
N TYR B 162 -1.23 -18.75 9.68
CA TYR B 162 -0.72 -19.01 8.35
C TYR B 162 0.66 -19.68 8.38
N GLU B 163 1.53 -19.17 9.25
CA GLU B 163 2.89 -19.68 9.39
C GLU B 163 2.87 -21.13 9.85
N LYS B 164 1.95 -21.41 10.75
CA LYS B 164 1.86 -22.70 11.42
C LYS B 164 1.21 -23.76 10.56
N GLY B 165 0.34 -23.40 9.60
CA GLY B 165 -0.45 -24.38 8.89
C GLY B 165 -1.94 -24.17 9.10
N LEU B 166 -2.58 -23.66 8.05
CA LEU B 166 -3.98 -23.27 8.09
C LEU B 166 -4.60 -23.68 6.75
N SER B 167 -5.76 -24.34 6.77
CA SER B 167 -6.40 -24.73 5.51
C SER B 167 -6.99 -23.48 4.85
N LYS B 168 -6.91 -23.41 3.51
CA LYS B 168 -7.49 -22.27 2.75
C LYS B 168 -8.94 -22.01 3.13
N ALA B 169 -9.72 -23.06 3.37
CA ALA B 169 -11.15 -22.88 3.65
C ALA B 169 -11.43 -22.14 4.97
N ASP B 170 -10.43 -22.11 5.83
CA ASP B 170 -10.56 -21.50 7.11
C ASP B 170 -9.83 -20.18 7.21
N TYR B 171 -9.20 -19.68 6.14
CA TYR B 171 -8.47 -18.39 6.25
C TYR B 171 -9.35 -17.28 6.81
N TRP B 172 -10.64 -17.33 6.52
CA TRP B 172 -11.51 -16.23 6.91
C TRP B 172 -11.60 -16.05 8.41
N GLU B 173 -11.47 -17.12 9.19
CA GLU B 173 -11.75 -17.01 10.64
C GLU B 173 -10.72 -16.17 11.40
N PRO B 174 -9.42 -16.46 11.23
CA PRO B 174 -8.42 -15.60 11.89
C PRO B 174 -8.40 -14.19 11.28
N THR B 175 -8.77 -14.08 10.00
CA THR B 175 -8.96 -12.79 9.35
C THR B 175 -10.07 -11.99 10.06
N PHE B 176 -11.20 -12.62 10.34
CA PHE B 176 -12.28 -12.02 11.10
C PHE B 176 -11.77 -11.63 12.50
N ASP B 177 -11.11 -12.56 13.19
CA ASP B 177 -10.65 -12.27 14.54
C ASP B 177 -9.73 -11.04 14.59
N ASP B 178 -8.78 -10.99 13.66
CA ASP B 178 -7.87 -9.85 13.56
C ASP B 178 -8.60 -8.57 13.20
N SER B 179 -9.65 -8.68 12.35
CA SER B 179 -10.44 -7.50 11.97
C SER B 179 -11.14 -6.90 13.17
N ILE B 180 -11.77 -7.75 13.98
CA ILE B 180 -12.45 -7.25 15.18
C ILE B 180 -11.44 -6.68 16.18
N SER B 181 -10.31 -7.36 16.33
CA SER B 181 -9.24 -6.85 17.19
C SER B 181 -8.81 -5.42 16.78
N LEU B 182 -8.56 -5.25 15.49
CA LEU B 182 -8.18 -3.94 14.94
C LEU B 182 -9.26 -2.89 15.14
N LEU B 183 -10.52 -3.24 14.83
CA LEU B 183 -11.60 -2.29 15.04
C LEU B 183 -11.69 -1.83 16.49
N ALA B 184 -11.55 -2.79 17.40
CA ALA B 184 -11.63 -2.51 18.84
C ALA B 184 -10.52 -1.55 19.28
N LYS B 185 -9.34 -1.73 18.70
CA LYS B 185 -8.15 -1.00 19.13
C LYS B 185 -7.93 0.34 18.44
N ILE B 186 -8.39 0.48 17.20
CA ILE B 186 -8.02 1.66 16.42
C ILE B 186 -8.51 3.01 17.00
N PRO B 187 -9.69 3.09 17.64
CA PRO B 187 -10.02 4.39 18.26
C PRO B 187 -9.05 4.77 19.34
N ARG B 188 -8.58 3.80 20.12
CA ARG B 188 -7.58 4.09 21.16
C ARG B 188 -6.25 4.53 20.54
N VAL B 189 -5.82 3.84 19.49
CA VAL B 189 -4.60 4.26 18.78
C VAL B 189 -4.74 5.72 18.29
N ALA B 190 -5.87 6.00 17.65
CA ALA B 190 -6.17 7.34 17.16
C ALA B 190 -6.15 8.37 18.28
N ALA B 191 -6.70 8.02 19.44
CA ALA B 191 -6.70 8.96 20.56
C ALA B 191 -5.30 9.22 21.06
N LEU B 192 -4.44 8.19 21.05
CA LEU B 192 -3.02 8.36 21.39
C LEU B 192 -2.29 9.28 20.42
N VAL B 193 -2.67 9.26 19.14
CA VAL B 193 -2.14 10.22 18.18
C VAL B 193 -2.58 11.66 18.54
N PHE B 194 -3.85 11.81 18.90
CA PHE B 194 -4.40 13.09 19.34
C PHE B 194 -3.86 13.61 20.66
N ARG B 195 -3.44 12.71 21.56
CA ARG B 195 -3.05 13.05 22.94
C ARG B 195 -1.64 12.55 23.29
N PRO B 196 -0.63 13.06 22.60
CA PRO B 196 0.73 12.56 22.77
C PRO B 196 1.32 12.73 24.16
N ASP B 197 0.81 13.68 24.94
CA ASP B 197 1.33 13.89 26.29
C ASP B 197 0.63 13.04 27.35
N GLU B 198 -0.32 12.21 26.93
CA GLU B 198 -1.12 11.43 27.86
C GLU B 198 -1.19 9.96 27.46
N VAL B 199 -0.13 9.46 26.85
CA VAL B 199 -0.14 8.12 26.30
C VAL B 199 -0.33 7.06 27.39
N ASP B 200 0.34 7.23 28.53
CA ASP B 200 0.29 6.17 29.53
C ASP B 200 -1.13 6.00 30.09
N GLN B 201 -1.83 7.13 30.27
CA GLN B 201 -3.20 7.12 30.76
C GLN B 201 -4.23 6.73 29.70
N VAL B 202 -4.23 7.44 28.57
CA VAL B 202 -5.18 7.16 27.49
C VAL B 202 -4.96 5.75 26.95
N GLY B 203 -3.70 5.32 26.96
CA GLY B 203 -3.33 3.99 26.50
C GLY B 203 -3.85 2.82 27.31
N THR B 204 -4.20 3.08 28.57
CA THR B 204 -4.64 2.01 29.48
C THR B 204 -6.04 2.21 30.04
N GLN B 205 -6.63 3.38 29.92
CA GLN B 205 -7.92 3.64 30.56
C GLN B 205 -8.99 2.66 30.08
N ALA B 206 -9.78 2.14 31.01
CA ALA B 206 -10.89 1.25 30.65
C ALA B 206 -11.99 2.05 29.97
N LEU B 207 -12.58 1.46 28.94
CA LEU B 207 -13.73 2.05 28.26
C LEU B 207 -14.99 1.69 29.03
N ASP B 208 -16.03 2.48 28.84
CA ASP B 208 -17.35 2.15 29.35
C ASP B 208 -17.91 0.97 28.57
N ALA B 209 -17.97 -0.18 29.24
CA ALA B 209 -18.36 -1.41 28.58
C ALA B 209 -19.82 -1.40 28.09
N SER B 210 -20.65 -0.47 28.58
CA SER B 210 -22.05 -0.39 28.17
C SER B 210 -22.30 0.54 26.98
N GLN B 211 -21.25 1.24 26.53
CA GLN B 211 -21.38 2.28 25.51
C GLN B 211 -20.88 1.83 24.15
N ASP B 212 -21.28 2.59 23.13
CA ASP B 212 -21.01 2.26 21.74
C ASP B 212 -19.61 2.74 21.32
N TRP B 213 -19.19 2.24 20.17
CA TRP B 213 -17.81 2.44 19.69
C TRP B 213 -17.43 3.93 19.56
N SER B 214 -18.35 4.71 19.02
CA SER B 214 -18.15 6.15 18.83
C SER B 214 -18.12 6.89 20.15
N TYR B 215 -19.04 6.57 21.04
CA TYR B 215 -19.06 7.14 22.39
C TYR B 215 -17.70 6.94 23.07
N ASN B 216 -17.21 5.72 23.05
CA ASN B 216 -15.94 5.42 23.69
C ASN B 216 -14.75 6.07 22.98
N PHE B 217 -14.82 6.20 21.66
CA PHE B 217 -13.81 6.99 20.94
C PHE B 217 -13.81 8.44 21.43
N ALA B 218 -15.00 9.03 21.54
CA ALA B 218 -15.15 10.39 22.04
C ALA B 218 -14.58 10.51 23.46
N GLU B 219 -14.83 9.52 24.31
CA GLU B 219 -14.26 9.55 25.66
C GLU B 219 -12.76 9.54 25.67
N LEU B 220 -12.15 8.68 24.85
CA LEU B 220 -10.70 8.65 24.69
C LEU B 220 -10.13 9.96 24.14
N LEU B 221 -10.91 10.65 23.32
CA LEU B 221 -10.54 11.98 22.82
C LEU B 221 -10.72 13.11 23.84
N GLY B 222 -11.29 12.80 24.99
CA GLY B 222 -11.54 13.76 26.04
C GLY B 222 -12.87 14.47 25.93
N LYS B 223 -13.80 13.89 25.16
CA LYS B 223 -15.15 14.45 24.98
C LYS B 223 -16.22 13.42 25.35
N GLY B 224 -16.05 12.82 26.51
CA GLY B 224 -17.04 11.91 27.08
C GLY B 224 -18.13 12.64 27.83
N GLY B 225 -19.11 11.88 28.31
CA GLY B 225 -20.16 12.42 29.16
C GLY B 225 -21.34 13.05 28.44
N LYS B 226 -22.40 13.24 29.20
CA LYS B 226 -23.65 13.79 28.66
C LYS B 226 -23.54 15.17 28.07
N GLU B 227 -22.62 16.00 28.57
CA GLU B 227 -22.45 17.33 28.00
C GLU B 227 -21.94 17.32 26.55
N ASN B 228 -21.44 16.17 26.12
CA ASN B 228 -20.92 16.01 24.76
C ASN B 228 -21.79 15.13 23.86
N GLN B 229 -23.08 14.98 24.24
CA GLN B 229 -23.96 14.07 23.50
C GLN B 229 -24.19 14.45 22.05
N ASP B 230 -24.21 15.74 21.72
CA ASP B 230 -24.34 16.17 20.34
C ASP B 230 -23.16 15.68 19.50
N PHE B 231 -21.96 15.90 20.04
CA PHE B 231 -20.75 15.42 19.39
C PHE B 231 -20.75 13.90 19.21
N HIS B 232 -21.28 13.17 20.18
CA HIS B 232 -21.33 11.71 20.03
C HIS B 232 -22.19 11.31 18.83
N ASP B 233 -23.29 12.03 18.63
CA ASP B 233 -24.12 11.78 17.47
C ASP B 233 -23.44 12.18 16.16
N LEU B 234 -22.73 13.31 16.16
CA LEU B 234 -21.94 13.66 14.97
C LEU B 234 -20.95 12.55 14.64
N LEU B 235 -20.26 12.05 15.66
CA LEU B 235 -19.22 11.07 15.48
C LEU B 235 -19.78 9.74 14.94
N ARG B 236 -20.92 9.30 15.49
CA ARG B 236 -21.59 8.11 15.00
C ARG B 236 -21.90 8.25 13.52
N LEU B 237 -22.55 9.36 13.16
CA LEU B 237 -22.94 9.57 11.76
C LEU B 237 -21.71 9.61 10.86
N TYR B 238 -20.73 10.41 11.25
CA TYR B 238 -19.50 10.54 10.51
C TYR B 238 -18.83 9.19 10.29
N LEU B 239 -18.67 8.43 11.38
CA LEU B 239 -17.96 7.16 11.28
C LEU B 239 -18.74 6.15 10.43
N ALA B 240 -20.07 6.18 10.51
CA ALA B 240 -20.89 5.30 9.65
C ALA B 240 -20.80 5.70 8.19
N LEU B 241 -20.81 6.99 7.90
CA LEU B 241 -20.78 7.50 6.52
C LEU B 241 -19.49 7.23 5.80
N HIS B 242 -18.38 7.24 6.53
CA HIS B 242 -17.06 7.10 5.92
C HIS B 242 -16.57 5.64 5.90
N GLY B 243 -17.36 4.69 6.38
CA GLY B 243 -16.87 3.33 6.54
C GLY B 243 -16.52 2.61 5.25
N ASP B 244 -17.29 2.81 4.18
CA ASP B 244 -17.08 2.08 2.93
C ASP B 244 -17.51 2.93 1.74
N HIS B 245 -16.79 2.83 0.63
CA HIS B 245 -17.15 3.54 -0.58
C HIS B 245 -16.77 2.75 -1.79
N GLU B 246 -17.33 1.54 -1.83
CA GLU B 246 -16.97 0.48 -2.77
C GLU B 246 -15.48 0.18 -2.81
N GLY B 247 -15.01 -0.61 -3.77
CA GLY B 247 -13.66 -1.17 -3.67
C GLY B 247 -12.55 -0.34 -4.26
N GLY B 248 -12.87 0.52 -5.23
CA GLY B 248 -11.87 1.22 -6.03
C GLY B 248 -11.25 2.47 -5.46
N ASN B 249 -11.76 2.98 -4.34
CA ASN B 249 -11.11 4.12 -3.68
C ASN B 249 -9.74 3.66 -3.19
N VAL B 250 -8.81 4.60 -3.04
CA VAL B 250 -7.41 4.24 -2.82
C VAL B 250 -7.20 3.41 -1.56
N SER B 251 -7.82 3.81 -0.46
CA SER B 251 -7.61 3.14 0.83
C SER B 251 -8.18 1.74 0.80
N ALA B 252 -9.40 1.59 0.28
CA ALA B 252 -10.00 0.27 0.19
C ALA B 252 -9.22 -0.64 -0.73
N HIS B 253 -8.84 -0.12 -1.88
CA HIS B 253 -8.09 -0.86 -2.87
C HIS B 253 -6.72 -1.30 -2.35
N ALA B 254 -6.00 -0.39 -1.71
CA ALA B 254 -4.67 -0.72 -1.16
C ALA B 254 -4.76 -1.82 -0.11
N THR B 255 -5.82 -1.75 0.71
CA THR B 255 -6.06 -2.78 1.71
C THR B 255 -6.28 -4.13 1.04
N HIS B 256 -7.15 -4.15 0.04
CA HIS B 256 -7.41 -5.38 -0.68
C HIS B 256 -6.15 -5.92 -1.38
N LEU B 257 -5.39 -5.03 -1.99
CA LEU B 257 -4.21 -5.38 -2.75
C LEU B 257 -3.14 -6.03 -1.87
N VAL B 258 -2.80 -5.36 -0.78
CA VAL B 258 -1.80 -5.91 0.15
C VAL B 258 -2.32 -7.19 0.79
N GLY B 259 -3.60 -7.18 1.16
CA GLY B 259 -4.24 -8.37 1.70
C GLY B 259 -4.26 -9.53 0.77
N SER B 260 -4.27 -9.27 -0.55
CA SER B 260 -4.33 -10.34 -1.53
C SER B 260 -3.05 -11.19 -1.60
N ALA B 261 -1.94 -10.63 -1.06
CA ALA B 261 -0.69 -11.36 -0.91
C ALA B 261 -0.68 -12.15 0.40
N LEU B 262 -1.80 -12.13 1.13
CA LEU B 262 -2.00 -12.78 2.42
C LEU B 262 -1.26 -12.09 3.59
N SER B 263 -0.91 -10.82 3.38
CA SER B 263 -0.57 -9.97 4.51
C SER B 263 -1.82 -9.86 5.39
N ASP B 264 -1.62 -9.88 6.70
CA ASP B 264 -2.73 -9.90 7.65
C ASP B 264 -3.45 -8.55 7.68
N PRO B 265 -4.61 -8.48 8.36
CA PRO B 265 -5.38 -7.25 8.32
C PRO B 265 -4.70 -6.01 8.91
N PHE B 266 -3.77 -6.18 9.84
CA PHE B 266 -3.06 -5.05 10.41
C PHE B 266 -2.14 -4.43 9.38
N LEU B 267 -1.34 -5.28 8.72
CA LEU B 267 -0.46 -4.82 7.66
C LEU B 267 -1.26 -4.27 6.48
N SER B 268 -2.35 -4.94 6.15
CA SER B 268 -3.15 -4.56 4.99
C SER B 268 -3.83 -3.20 5.20
N TYR B 269 -4.48 -3.01 6.35
CA TYR B 269 -5.12 -1.72 6.61
C TYR B 269 -4.09 -0.61 6.84
N SER B 270 -2.90 -0.94 7.35
CA SER B 270 -1.81 0.06 7.37
C SER B 270 -1.56 0.61 5.96
N ALA B 271 -1.50 -0.26 4.95
CA ALA B 271 -1.34 0.18 3.56
C ALA B 271 -2.52 1.05 3.12
N GLY B 272 -3.74 0.68 3.50
CA GLY B 272 -4.91 1.53 3.28
C GLY B 272 -4.77 2.90 3.86
N LEU B 273 -4.31 2.99 5.12
CA LEU B 273 -4.07 4.26 5.80
C LEU B 273 -3.03 5.10 5.10
N LEU B 274 -1.97 4.47 4.60
CA LEU B 274 -0.96 5.22 3.87
C LEU B 274 -1.54 5.89 2.60
N GLY B 275 -2.49 5.20 1.96
CA GLY B 275 -3.19 5.77 0.84
C GLY B 275 -4.19 6.83 1.25
N LEU B 276 -4.91 6.59 2.35
CA LEU B 276 -5.78 7.60 2.93
C LEU B 276 -5.07 8.90 3.29
N ALA B 277 -3.78 8.78 3.65
CA ALA B 277 -2.96 9.91 4.00
C ALA B 277 -2.63 10.80 2.81
N GLY B 278 -3.05 10.43 1.61
CA GLY B 278 -2.71 11.20 0.43
C GLY B 278 -3.60 12.42 0.27
N PRO B 279 -3.03 13.57 -0.14
CA PRO B 279 -3.80 14.79 -0.37
C PRO B 279 -5.03 14.62 -1.28
N LEU B 280 -4.95 13.74 -2.28
CA LEU B 280 -6.09 13.54 -3.16
C LEU B 280 -7.10 12.52 -2.65
N HIS B 281 -6.77 11.86 -1.54
CA HIS B 281 -7.71 10.93 -0.90
C HIS B 281 -8.14 11.50 0.48
N GLY B 282 -7.92 10.78 1.59
CA GLY B 282 -8.46 11.18 2.87
C GLY B 282 -7.88 12.45 3.46
N LEU B 283 -6.66 12.78 3.07
CA LEU B 283 -6.03 14.01 3.54
C LEU B 283 -6.75 15.24 3.00
N ALA B 284 -7.61 15.09 2.00
CA ALA B 284 -8.44 16.20 1.55
C ALA B 284 -9.27 16.76 2.69
N ALA B 285 -9.68 15.93 3.65
CA ALA B 285 -10.44 16.43 4.81
C ALA B 285 -9.66 17.48 5.62
N GLN B 286 -8.39 17.20 5.86
CA GLN B 286 -7.47 18.16 6.44
C GLN B 286 -7.32 19.39 5.55
N GLU B 287 -7.09 19.16 4.27
CA GLU B 287 -6.74 20.22 3.36
C GLU B 287 -7.90 21.19 3.14
N VAL B 288 -9.13 20.68 3.18
CA VAL B 288 -10.30 21.54 3.10
C VAL B 288 -10.26 22.60 4.19
N LEU B 289 -10.11 22.17 5.43
CA LEU B 289 -10.22 23.15 6.51
C LEU B 289 -9.00 24.07 6.58
N ARG B 290 -7.81 23.57 6.23
CA ARG B 290 -6.66 24.48 6.07
C ARG B 290 -6.95 25.57 5.05
N TRP B 291 -7.54 25.15 3.93
CA TRP B 291 -7.87 26.07 2.85
C TRP B 291 -8.97 27.05 3.23
N ILE B 292 -10.00 26.60 3.93
CA ILE B 292 -11.09 27.45 4.40
C ILE B 292 -10.55 28.49 5.38
N LEU B 293 -9.72 28.03 6.32
CA LEU B 293 -9.20 28.94 7.33
C LEU B 293 -8.25 29.95 6.70
N ALA B 294 -7.46 29.51 5.72
CA ALA B 294 -6.61 30.44 4.97
C ALA B 294 -7.44 31.46 4.23
N MET B 295 -8.53 31.01 3.61
CA MET B 295 -9.43 31.93 2.92
C MET B 295 -10.00 32.94 3.92
N GLN B 296 -10.47 32.44 5.06
CA GLN B 296 -11.03 33.32 6.09
C GLN B 296 -10.04 34.41 6.51
N ASP B 297 -8.78 34.01 6.72
N ASP B 297 -8.78 34.00 6.72
CA ASP B 297 -7.78 34.96 7.13
CA ASP B 297 -7.71 34.92 7.10
C ASP B 297 -7.54 36.03 6.07
C ASP B 297 -7.56 36.03 6.07
N LYS B 298 -7.67 35.66 4.79
CA LYS B 298 -7.48 36.61 3.72
C LYS B 298 -8.68 37.55 3.51
N ILE B 299 -9.89 36.98 3.43
CA ILE B 299 -11.07 37.77 3.03
C ILE B 299 -11.78 38.47 4.20
N GLY B 300 -11.46 38.07 5.42
CA GLY B 300 -12.00 38.77 6.57
C GLY B 300 -13.30 38.18 7.02
N THR B 301 -13.87 38.91 7.97
CA THR B 301 -15.08 38.52 8.69
C THR B 301 -16.35 38.86 7.88
N LYS B 302 -16.20 39.90 7.08
CA LYS B 302 -17.24 40.41 6.23
C LYS B 302 -16.64 40.51 4.85
N PHE B 303 -17.29 39.88 3.90
CA PHE B 303 -16.70 39.58 2.62
C PHE B 303 -17.81 39.41 1.60
N THR B 304 -17.43 39.47 0.33
CA THR B 304 -18.37 39.35 -0.76
C THR B 304 -18.23 38.01 -1.42
N ASP B 305 -19.21 37.66 -2.24
CA ASP B 305 -19.10 36.48 -3.08
C ASP B 305 -17.91 36.56 -4.00
N ASP B 306 -17.59 37.75 -4.51
CA ASP B 306 -16.36 37.91 -5.34
C ASP B 306 -15.09 37.56 -4.60
N ASP B 307 -15.02 37.87 -3.32
CA ASP B 307 -13.84 37.56 -2.51
C ASP B 307 -13.63 36.04 -2.46
N VAL B 308 -14.74 35.31 -2.34
CA VAL B 308 -14.71 33.85 -2.35
C VAL B 308 -14.34 33.33 -3.75
N ARG B 309 -15.02 33.82 -4.79
CA ARG B 309 -14.65 33.47 -6.17
C ARG B 309 -13.18 33.72 -6.43
N ASN B 310 -12.67 34.87 -5.99
CA ASN B 310 -11.27 35.20 -6.26
C ASN B 310 -10.31 34.22 -5.60
N TYR B 311 -10.62 33.79 -4.38
CA TYR B 311 -9.77 32.84 -3.67
C TYR B 311 -9.77 31.47 -4.39
N LEU B 312 -10.94 31.05 -4.85
CA LEU B 312 -11.06 29.82 -5.64
C LEU B 312 -10.20 29.86 -6.92
N TRP B 313 -10.37 30.94 -7.68
CA TRP B 313 -9.68 31.09 -8.94
C TRP B 313 -8.17 31.22 -8.72
N ASP B 314 -7.78 31.92 -7.66
CA ASP B 314 -6.36 32.04 -7.33
C ASP B 314 -5.72 30.68 -7.00
N THR B 315 -6.47 29.84 -6.27
CA THR B 315 -6.03 28.47 -6.00
C THR B 315 -5.80 27.72 -7.28
N LEU B 316 -6.79 27.75 -8.19
CA LEU B 316 -6.67 27.04 -9.46
C LEU B 316 -5.51 27.55 -10.35
N LYS B 317 -5.38 28.87 -10.42
CA LYS B 317 -4.33 29.51 -11.21
C LYS B 317 -2.94 29.15 -10.66
N SER B 318 -2.87 28.83 -9.36
CA SER B 318 -1.63 28.41 -8.71
C SER B 318 -1.23 26.98 -9.00
N GLY B 319 -2.04 26.23 -9.76
CA GLY B 319 -1.76 24.81 -10.00
C GLY B 319 -2.10 23.89 -8.84
N ARG B 320 -3.03 24.32 -8.01
CA ARG B 320 -3.49 23.55 -6.86
C ARG B 320 -4.95 23.14 -7.02
N VAL B 321 -5.36 22.06 -6.35
CA VAL B 321 -6.78 21.67 -6.38
C VAL B 321 -7.60 22.44 -5.35
N VAL B 322 -8.90 22.59 -5.61
CA VAL B 322 -9.82 23.04 -4.60
C VAL B 322 -10.19 21.80 -3.79
N PRO B 323 -9.74 21.72 -2.53
CA PRO B 323 -10.02 20.49 -1.81
C PRO B 323 -11.52 20.33 -1.48
N GLY B 324 -11.97 19.08 -1.46
CA GLY B 324 -13.32 18.72 -1.08
C GLY B 324 -14.33 18.82 -2.21
N TYR B 325 -13.86 19.06 -3.43
CA TYR B 325 -14.70 19.15 -4.63
C TYR B 325 -14.25 18.12 -5.66
N GLY B 326 -15.20 17.58 -6.40
CA GLY B 326 -14.92 16.55 -7.39
C GLY B 326 -14.85 15.15 -6.82
N HIS B 327 -14.81 14.19 -7.73
CA HIS B 327 -14.72 12.78 -7.36
C HIS B 327 -14.34 11.94 -8.55
N GLY B 328 -13.71 10.79 -8.27
CA GLY B 328 -13.35 9.88 -9.36
C GLY B 328 -14.53 9.18 -10.02
N VAL B 329 -15.61 9.01 -9.27
CA VAL B 329 -16.80 8.30 -9.75
C VAL B 329 -18.05 9.17 -9.72
N LEU B 330 -18.34 9.81 -8.59
CA LEU B 330 -19.50 10.70 -8.49
C LEU B 330 -19.47 11.79 -9.54
N ARG B 331 -20.65 12.01 -10.12
CA ARG B 331 -20.90 13.08 -11.09
C ARG B 331 -21.99 14.04 -10.61
N LYS B 332 -22.46 13.83 -9.40
CA LYS B 332 -23.57 14.56 -8.81
C LYS B 332 -23.25 14.78 -7.35
N PRO B 333 -24.10 15.55 -6.64
CA PRO B 333 -23.87 15.76 -5.22
C PRO B 333 -23.74 14.47 -4.43
N ASP B 334 -22.80 14.48 -3.50
CA ASP B 334 -22.43 13.33 -2.70
C ASP B 334 -23.45 13.18 -1.56
N PRO B 335 -24.20 12.06 -1.50
CA PRO B 335 -25.17 11.97 -0.40
C PRO B 335 -24.55 11.94 1.00
N ARG B 336 -23.27 11.63 1.11
CA ARG B 336 -22.58 11.73 2.40
C ARG B 336 -22.40 13.18 2.78
N PHE B 337 -22.10 14.03 1.82
CA PHE B 337 -22.02 15.48 2.06
C PHE B 337 -23.38 16.00 2.51
N GLN B 338 -24.42 15.61 1.78
CA GLN B 338 -25.77 16.03 2.13
C GLN B 338 -26.17 15.59 3.53
N ALA B 339 -25.78 14.38 3.92
CA ALA B 339 -26.09 13.86 5.26
C ALA B 339 -25.45 14.72 6.32
N LEU B 340 -24.22 15.15 6.11
CA LEU B 340 -23.55 16.02 7.09
C LEU B 340 -24.17 17.43 7.12
N MET B 341 -24.55 17.98 5.96
CA MET B 341 -25.18 19.30 5.95
C MET B 341 -26.55 19.25 6.60
N ASP B 342 -27.25 18.12 6.46
CA ASP B 342 -28.56 17.93 7.09
C ASP B 342 -28.41 17.82 8.60
N PHE B 343 -27.30 17.22 9.04
CA PHE B 343 -26.98 17.15 10.48
C PHE B 343 -26.82 18.58 11.03
N ALA B 344 -26.10 19.43 10.30
CA ALA B 344 -25.89 20.82 10.72
C ALA B 344 -27.18 21.63 10.72
N ALA B 345 -28.07 21.29 9.80
CA ALA B 345 -29.27 22.07 9.55
C ALA B 345 -30.20 22.21 10.74
N THR B 346 -30.17 21.25 11.65
CA THR B 346 -31.03 21.28 12.83
C THR B 346 -30.34 21.82 14.07
N ARG B 347 -29.15 22.39 13.91
CA ARG B 347 -28.35 22.81 15.02
C ARG B 347 -27.96 24.27 14.85
N PRO B 348 -28.76 25.17 15.45
CA PRO B 348 -28.51 26.59 15.27
C PRO B 348 -27.10 27.03 15.60
N ASP B 349 -26.47 26.44 16.62
CA ASP B 349 -25.10 26.80 16.99
C ASP B 349 -24.12 26.54 15.85
N VAL B 350 -24.32 25.45 15.13
CA VAL B 350 -23.44 25.10 14.00
C VAL B 350 -23.66 26.08 12.86
N LEU B 351 -24.93 26.37 12.56
CA LEU B 351 -25.25 27.28 11.45
C LEU B 351 -24.72 28.69 11.66
N ALA B 352 -24.59 29.07 12.93
CA ALA B 352 -24.08 30.38 13.33
C ALA B 352 -22.57 30.47 13.35
N ASN B 353 -21.89 29.33 13.31
CA ASN B 353 -20.44 29.27 13.34
C ASN B 353 -19.88 29.87 12.03
N PRO B 354 -19.09 30.97 12.12
CA PRO B 354 -18.62 31.63 10.89
C PRO B 354 -17.81 30.72 9.95
N VAL B 355 -17.12 29.72 10.50
CA VAL B 355 -16.33 28.81 9.68
C VAL B 355 -17.28 27.91 8.91
N PHE B 356 -18.38 27.48 9.53
CA PHE B 356 -19.41 26.71 8.82
C PHE B 356 -20.06 27.56 7.74
N GLN B 357 -20.37 28.82 8.07
CA GLN B 357 -20.94 29.73 7.07
C GLN B 357 -20.06 29.88 5.83
N LEU B 358 -18.74 29.89 6.04
CA LEU B 358 -17.81 30.04 4.93
C LEU B 358 -17.77 28.76 4.09
N VAL B 359 -17.78 27.60 4.74
CA VAL B 359 -17.94 26.32 4.01
C VAL B 359 -19.22 26.31 3.17
N LYS B 360 -20.32 26.74 3.77
CA LYS B 360 -21.60 26.77 3.07
C LYS B 360 -21.60 27.74 1.88
N LYS B 361 -21.11 28.95 2.10
CA LYS B 361 -21.01 29.95 1.02
C LYS B 361 -20.09 29.42 -0.10
N ASN B 362 -18.97 28.85 0.26
CA ASN B 362 -18.10 28.26 -0.75
C ASN B 362 -18.81 27.18 -1.58
N SER B 363 -19.66 26.39 -0.94
CA SER B 363 -20.39 25.34 -1.65
C SER B 363 -21.35 25.89 -2.68
N GLU B 364 -21.73 27.16 -2.52
CA GLU B 364 -22.63 27.87 -3.42
C GLU B 364 -21.91 28.57 -4.60
N ILE B 365 -20.58 28.60 -4.57
CA ILE B 365 -19.78 29.33 -5.55
C ILE B 365 -18.80 28.41 -6.25
N ALA B 366 -18.14 27.52 -5.52
CA ALA B 366 -17.08 26.69 -6.10
C ALA B 366 -17.52 25.87 -7.33
N PRO B 367 -18.75 25.30 -7.30
CA PRO B 367 -19.11 24.50 -8.49
C PRO B 367 -19.12 25.31 -9.79
N ALA B 368 -19.55 26.58 -9.73
CA ALA B 368 -19.54 27.42 -10.93
C ALA B 368 -18.09 27.74 -11.37
N VAL B 369 -17.24 28.04 -10.39
CA VAL B 369 -15.84 28.34 -10.71
C VAL B 369 -15.14 27.11 -11.33
N LEU B 370 -15.38 25.92 -10.74
CA LEU B 370 -14.81 24.70 -11.28
C LEU B 370 -15.32 24.40 -12.70
N THR B 371 -16.57 24.73 -12.95
CA THR B 371 -17.17 24.58 -14.29
C THR B 371 -16.55 25.58 -15.28
N GLU B 372 -16.33 26.80 -14.84
CA GLU B 372 -15.66 27.82 -15.65
C GLU B 372 -14.25 27.36 -16.05
N HIS B 373 -13.55 26.79 -15.08
CA HIS B 373 -12.19 26.31 -15.27
C HIS B 373 -12.14 25.14 -16.26
N GLY B 374 -13.15 24.26 -16.19
CA GLY B 374 -13.46 23.34 -17.28
C GLY B 374 -12.68 22.02 -17.31
N LYS B 375 -11.99 21.71 -16.22
CA LYS B 375 -11.16 20.50 -16.18
C LYS B 375 -11.86 19.34 -15.48
N THR B 376 -12.49 19.62 -14.36
CA THR B 376 -13.13 18.53 -13.59
C THR B 376 -14.33 17.92 -14.31
N LYS B 377 -14.58 16.64 -14.04
CA LYS B 377 -15.79 15.98 -14.50
C LYS B 377 -16.96 16.12 -13.50
N ASN B 378 -16.67 16.59 -12.30
CA ASN B 378 -17.65 16.74 -11.25
C ASN B 378 -17.32 18.00 -10.47
N PRO B 379 -18.14 19.04 -10.62
CA PRO B 379 -17.86 20.28 -9.90
C PRO B 379 -18.50 20.33 -8.51
N HIS B 380 -19.18 19.26 -8.09
CA HIS B 380 -19.92 19.25 -6.82
C HIS B 380 -19.04 18.97 -5.63
N PRO B 381 -19.48 19.36 -4.44
CA PRO B 381 -18.74 18.98 -3.23
C PRO B 381 -18.74 17.48 -3.00
N ASN B 382 -17.70 16.98 -2.37
CA ASN B 382 -17.71 15.61 -1.83
C ASN B 382 -17.75 15.75 -0.31
N VAL B 383 -17.84 14.64 0.40
CA VAL B 383 -18.03 14.66 1.83
C VAL B 383 -16.92 15.43 2.57
N ASP B 384 -15.69 15.40 2.05
CA ASP B 384 -14.59 16.10 2.69
C ASP B 384 -14.81 17.61 2.79
N ALA B 385 -15.68 18.19 1.97
CA ALA B 385 -15.97 19.62 2.07
C ALA B 385 -16.57 20.02 3.43
N ALA B 386 -17.33 19.11 4.04
CA ALA B 386 -18.06 19.43 5.26
C ALA B 386 -17.57 18.79 6.58
N SER B 387 -16.85 17.68 6.50
CA SER B 387 -16.57 16.93 7.73
C SER B 387 -15.68 17.70 8.73
N GLY B 388 -14.62 18.31 8.23
CA GLY B 388 -13.68 18.94 9.14
C GLY B 388 -14.25 20.11 9.91
N VAL B 389 -15.09 20.91 9.27
CA VAL B 389 -15.69 22.05 9.95
C VAL B 389 -16.61 21.65 11.11
N LEU B 390 -17.27 20.52 10.97
CA LEU B 390 -18.09 19.99 12.07
C LEU B 390 -17.21 19.56 13.24
N PHE B 391 -16.13 18.87 12.99
CA PHE B 391 -15.14 18.62 14.05
C PHE B 391 -14.58 19.91 14.65
N TYR B 392 -14.29 20.91 13.83
CA TYR B 392 -13.80 22.22 14.30
C TYR B 392 -14.81 22.84 15.28
N HIS B 393 -16.09 22.81 14.88
CA HIS B 393 -17.14 23.35 15.71
C HIS B 393 -17.19 22.74 17.10
N TYR B 394 -16.97 21.42 17.16
CA TYR B 394 -17.01 20.67 18.40
C TYR B 394 -15.67 20.69 19.16
N GLY B 395 -14.74 21.53 18.73
CA GLY B 395 -13.52 21.82 19.48
C GLY B 395 -12.23 21.20 18.98
N PHE B 396 -12.29 20.50 17.87
CA PHE B 396 -11.10 19.89 17.27
C PHE B 396 -10.56 20.84 16.25
N GLN B 397 -9.63 21.70 16.67
CA GLN B 397 -9.21 22.83 15.85
C GLN B 397 -7.83 22.73 15.20
N GLN B 398 -7.24 21.53 15.19
CA GLN B 398 -5.96 21.32 14.51
C GLN B 398 -6.21 20.47 13.28
N PRO B 399 -6.35 21.08 12.08
CA PRO B 399 -6.71 20.25 10.91
C PRO B 399 -5.73 19.15 10.53
N LEU B 400 -4.47 19.21 10.98
CA LEU B 400 -3.53 18.09 10.70
C LEU B 400 -3.97 16.76 11.30
N TYR B 401 -4.90 16.80 12.25
CA TYR B 401 -5.44 15.56 12.84
C TYR B 401 -6.71 15.03 12.16
N TYR B 402 -7.31 15.78 11.25
CA TYR B 402 -8.65 15.40 10.77
C TYR B 402 -8.74 14.05 10.09
N THR B 403 -7.75 13.69 9.29
CA THR B 403 -7.82 12.43 8.57
C THR B 403 -7.68 11.22 9.49
N VAL B 404 -7.15 11.42 10.69
CA VAL B 404 -7.07 10.35 11.69
C VAL B 404 -8.43 9.76 12.01
N THR B 405 -9.45 10.63 12.15
CA THR B 405 -10.82 10.11 12.37
C THR B 405 -11.34 9.34 11.15
N PHE B 406 -10.97 9.81 9.96
CA PHE B 406 -11.30 9.10 8.71
C PHE B 406 -10.66 7.71 8.77
N GLY B 407 -9.40 7.65 9.21
CA GLY B 407 -8.70 6.37 9.38
C GLY B 407 -9.44 5.36 10.25
N VAL B 408 -9.99 5.85 11.36
CA VAL B 408 -10.80 4.99 12.23
C VAL B 408 -12.03 4.46 11.49
N SER B 409 -12.78 5.36 10.85
CA SER B 409 -13.99 4.95 10.11
C SER B 409 -13.70 3.97 8.99
N ARG B 410 -12.68 4.26 8.20
CA ARG B 410 -12.44 3.52 6.96
C ARG B 410 -11.79 2.15 7.18
N ALA B 411 -11.54 1.75 8.43
CA ALA B 411 -11.26 0.36 8.73
C ALA B 411 -12.49 -0.52 8.44
N LEU B 412 -13.68 0.04 8.59
CA LEU B 412 -14.92 -0.76 8.62
C LEU B 412 -15.13 -1.58 7.34
N GLY B 413 -15.24 -0.91 6.22
CA GLY B 413 -15.57 -1.56 4.95
C GLY B 413 -14.47 -2.43 4.38
N PRO B 414 -13.24 -1.90 4.35
CA PRO B 414 -12.11 -2.70 3.85
C PRO B 414 -11.84 -3.97 4.65
N LEU B 415 -12.02 -3.93 5.97
CA LEU B 415 -11.88 -5.15 6.75
C LEU B 415 -12.97 -6.19 6.42
N VAL B 416 -14.21 -5.71 6.26
CA VAL B 416 -15.28 -6.57 5.75
C VAL B 416 -14.87 -7.26 4.46
N GLN B 417 -14.35 -6.51 3.48
CA GLN B 417 -13.99 -7.17 2.24
C GLN B 417 -12.81 -8.11 2.38
N LEU B 418 -11.83 -7.82 3.23
CA LEU B 418 -10.75 -8.79 3.45
C LEU B 418 -11.26 -10.11 3.98
N ILE B 419 -12.22 -10.06 4.89
CA ILE B 419 -12.86 -11.28 5.40
C ILE B 419 -13.49 -12.07 4.24
N TRP B 420 -14.26 -11.38 3.40
CA TRP B 420 -14.85 -12.02 2.22
C TRP B 420 -13.83 -12.47 1.20
N ASP B 421 -12.78 -11.67 0.98
CA ASP B 421 -11.72 -12.08 0.06
C ASP B 421 -11.19 -13.46 0.51
N ARG B 422 -10.96 -13.62 1.82
CA ARG B 422 -10.42 -14.89 2.33
C ARG B 422 -11.46 -16.00 2.39
N ALA B 423 -12.70 -15.66 2.70
CA ALA B 423 -13.78 -16.65 2.70
C ALA B 423 -13.97 -17.24 1.30
N LEU B 424 -13.85 -16.39 0.28
CA LEU B 424 -14.03 -16.82 -1.12
C LEU B 424 -12.79 -17.42 -1.76
N GLY B 425 -11.63 -17.17 -1.19
CA GLY B 425 -10.39 -17.63 -1.78
C GLY B 425 -9.89 -16.82 -2.97
N LEU B 426 -10.16 -15.51 -2.95
CA LEU B 426 -9.74 -14.66 -4.05
C LEU B 426 -8.21 -14.58 -4.11
N PRO B 427 -7.66 -14.52 -5.34
CA PRO B 427 -6.25 -14.63 -5.54
C PRO B 427 -5.54 -13.31 -5.32
N ILE B 428 -4.25 -13.35 -5.52
CA ILE B 428 -3.45 -12.15 -5.53
C ILE B 428 -3.92 -11.20 -6.62
N GLU B 429 -3.93 -9.90 -6.33
CA GLU B 429 -4.22 -8.91 -7.36
C GLU B 429 -2.93 -8.63 -8.08
N ARG B 430 -2.91 -8.88 -9.39
CA ARG B 430 -1.68 -8.76 -10.18
C ARG B 430 -2.05 -8.41 -11.64
N PRO B 431 -2.36 -7.13 -11.90
CA PRO B 431 -2.64 -6.73 -13.29
C PRO B 431 -1.39 -6.76 -14.14
N LYS B 432 -1.58 -6.55 -15.45
CA LYS B 432 -0.46 -6.45 -16.39
C LYS B 432 -0.24 -4.97 -16.67
N SER B 433 1.02 -4.54 -16.69
CA SER B 433 1.35 -3.17 -17.07
C SER B 433 1.86 -3.12 -18.50
N ILE B 434 1.96 -1.91 -19.01
CA ILE B 434 2.55 -1.64 -20.30
C ILE B 434 3.20 -0.27 -20.28
N ASN B 435 4.14 -0.05 -21.18
CA ASN B 435 4.80 1.25 -21.29
C ASN B 435 4.14 2.09 -22.41
N LEU B 436 4.39 3.39 -22.40
CA LEU B 436 3.84 4.26 -23.43
C LEU B 436 4.23 3.80 -24.84
N LEU B 437 5.48 3.35 -25.00
CA LEU B 437 5.93 2.82 -26.29
C LEU B 437 5.08 1.66 -26.77
N GLY B 438 4.66 0.80 -25.85
CA GLY B 438 3.78 -0.32 -26.19
C GLY B 438 2.36 0.10 -26.59
N LEU B 439 1.92 1.26 -26.09
CA LEU B 439 0.62 1.82 -26.45
C LEU B 439 0.66 2.55 -27.79
N LYS B 440 1.85 3.01 -28.16
CA LYS B 440 2.07 3.78 -29.36
C LYS B 440 1.95 2.88 -30.61
N LYS B 441 2.47 1.65 -30.55
CA LYS B 441 2.28 0.66 -31.62
C LYS B 441 0.91 0.74 -32.31
#